data_8H5D
#
_entry.id   8H5D
#
_cell.length_a   46.753
_cell.length_b   79.979
_cell.length_c   99.244
_cell.angle_alpha   90.000
_cell.angle_beta   91.100
_cell.angle_gamma   90.000
#
_symmetry.space_group_name_H-M   'P 1 21 1'
#
loop_
_entity.id
_entity.type
_entity.pdbx_description
1 polymer Glycosyltransferase
2 non-polymer "URIDINE-5'-DIPHOSPHATE"
3 non-polymer GLYCEROL
4 water water
#
_entity_poly.entity_id   1
_entity_poly.type   'polypeptide(L)'
_entity_poly.pdbx_seq_one_letter_code
;MANVLMIGFPGEGHINPSIGVMKELKSRGENITYYAVKEYKEKITALDIEFREYHDFRGDYFGKNATGDEERDFTEMLCA
FLKACKDIATHIYEEVKHESYDYVIYDHHLLAGKVIANMLKLPRFSLCTTFAMNEEFAKEMMGAYMKGSLEDSPHYEEYQ
QLAETLNADFQAEIKKPFDVFLADGDLTIVFTSRGFQPLAEQFGERYVFVGPSITERHGNNDFPFDQIDNENVLFISMGT
TFNNQKQFFNQCLEVCKDFDGKVVLSIGKHIKTSELNDIPENFIVRPYVPQLEILKRASLFVTHGGMNSTSEGLYFETPL
VVIPMGNDQFVVADQVEKVGAGKVIKKEELSESLLKETIQEVMNNRSYKEKAKEIGQSLKAAGGSKKAADSILEAVKQKT
QSANAALEHHHHHH
;
_entity_poly.pdbx_strand_id   A,B
#
loop_
_chem_comp.id
_chem_comp.type
_chem_comp.name
_chem_comp.formula
GOL non-polymer GLYCEROL 'C3 H8 O3'
UDP RNA linking URIDINE-5'-DIPHOSPHATE 'C9 H14 N2 O12 P2'
#
# COMPACT_ATOMS: atom_id res chain seq x y z
N ALA A 2 -20.14 12.74 -14.85
CA ALA A 2 -18.75 13.21 -15.12
C ALA A 2 -18.27 12.59 -16.42
N ASN A 3 -17.18 13.11 -16.98
CA ASN A 3 -16.57 12.61 -18.23
C ASN A 3 -15.37 11.70 -17.89
N VAL A 4 -15.38 10.46 -18.41
CA VAL A 4 -14.48 9.37 -17.97
C VAL A 4 -13.72 8.85 -19.19
N LEU A 5 -12.40 8.95 -19.17
CA LEU A 5 -11.54 8.34 -20.20
C LEU A 5 -11.17 6.93 -19.71
N MET A 6 -11.52 5.90 -20.44
CA MET A 6 -11.19 4.50 -20.09
C MET A 6 -10.23 3.96 -21.17
N ILE A 7 -9.05 3.47 -20.77
CA ILE A 7 -8.02 2.92 -21.71
C ILE A 7 -7.78 1.42 -21.43
N GLY A 8 -8.36 0.56 -22.26
CA GLY A 8 -8.30 -0.92 -22.10
C GLY A 8 -6.98 -1.50 -22.57
N PHE A 9 -6.80 -2.80 -22.32
CA PHE A 9 -5.60 -3.60 -22.70
C PHE A 9 -6.03 -4.60 -23.76
N PRO A 10 -5.17 -4.93 -24.72
CA PRO A 10 -5.56 -5.85 -25.80
C PRO A 10 -5.60 -7.29 -25.31
N GLY A 11 -6.76 -7.70 -24.79
CA GLY A 11 -7.06 -9.12 -24.49
C GLY A 11 -8.43 -9.24 -23.86
N GLU A 12 -9.14 -10.33 -24.15
CA GLU A 12 -10.53 -10.45 -23.71
C GLU A 12 -10.60 -10.50 -22.17
N GLY A 13 -9.72 -11.22 -21.51
CA GLY A 13 -9.67 -11.36 -20.03
C GLY A 13 -9.43 -10.04 -19.32
N HIS A 14 -8.89 -9.05 -20.04
CA HIS A 14 -8.74 -7.65 -19.59
C HIS A 14 -10.06 -6.92 -19.79
N ILE A 15 -10.64 -7.05 -20.97
CA ILE A 15 -11.79 -6.19 -21.40
C ILE A 15 -13.01 -6.63 -20.58
N ASN A 16 -13.19 -7.93 -20.43
CA ASN A 16 -14.47 -8.48 -19.90
C ASN A 16 -14.78 -7.90 -18.52
N PRO A 17 -13.89 -7.95 -17.50
CA PRO A 17 -14.27 -7.44 -16.18
C PRO A 17 -14.55 -5.93 -16.17
N SER A 18 -13.96 -5.17 -17.10
CA SER A 18 -14.11 -3.70 -17.19
C SER A 18 -15.54 -3.37 -17.65
N ILE A 19 -16.19 -4.28 -18.36
CA ILE A 19 -17.59 -4.08 -18.86
C ILE A 19 -18.51 -3.78 -17.67
N GLY A 20 -18.54 -4.65 -16.66
CA GLY A 20 -19.36 -4.50 -15.43
C GLY A 20 -19.21 -3.11 -14.80
N VAL A 21 -17.98 -2.62 -14.70
CA VAL A 21 -17.61 -1.32 -14.07
C VAL A 21 -18.08 -0.18 -14.97
N MET A 22 -17.85 -0.25 -16.28
CA MET A 22 -18.36 0.79 -17.22
C MET A 22 -19.88 0.87 -17.11
N LYS A 23 -20.56 -0.27 -17.22
CA LYS A 23 -22.03 -0.39 -17.17
C LYS A 23 -22.55 0.18 -15.84
N GLU A 24 -21.83 0.01 -14.74
CA GLU A 24 -22.28 0.49 -13.42
C GLU A 24 -22.08 2.01 -13.39
N LEU A 25 -20.99 2.49 -13.99
CA LEU A 25 -20.61 3.92 -13.92
C LEU A 25 -21.56 4.70 -14.82
N LYS A 26 -21.93 4.14 -15.98
CA LYS A 26 -22.79 4.80 -17.00
C LYS A 26 -24.21 4.97 -16.47
N SER A 27 -24.73 3.95 -15.80
CA SER A 27 -26.07 3.93 -15.20
C SER A 27 -26.09 4.84 -13.95
N ARG A 28 -25.01 5.59 -13.70
CA ARG A 28 -24.94 6.50 -12.52
C ARG A 28 -24.67 7.94 -12.98
N GLY A 29 -24.80 8.19 -14.28
CA GLY A 29 -24.64 9.52 -14.89
C GLY A 29 -23.39 9.69 -15.75
N GLU A 30 -22.40 8.77 -15.71
CA GLU A 30 -21.06 8.99 -16.34
C GLU A 30 -21.12 8.76 -17.86
N ASN A 31 -20.53 9.68 -18.61
CA ASN A 31 -20.17 9.52 -20.05
C ASN A 31 -18.74 9.04 -20.14
N ILE A 32 -18.55 7.95 -20.90
CA ILE A 32 -17.30 7.14 -20.96
C ILE A 32 -16.78 7.11 -22.42
N THR A 33 -15.47 7.21 -22.57
CA THR A 33 -14.77 7.02 -23.84
C THR A 33 -13.78 5.89 -23.61
N TYR A 34 -13.99 4.75 -24.24
CA TYR A 34 -13.19 3.52 -24.03
C TYR A 34 -12.25 3.37 -25.22
N TYR A 35 -10.95 3.44 -24.99
CA TYR A 35 -9.88 3.09 -25.97
C TYR A 35 -9.53 1.61 -25.84
N ALA A 36 -9.66 0.85 -26.93
CA ALA A 36 -9.22 -0.56 -27.06
C ALA A 36 -8.77 -0.81 -28.49
N VAL A 37 -8.13 -1.95 -28.71
CA VAL A 37 -7.85 -2.51 -30.06
C VAL A 37 -9.20 -2.91 -30.71
N LYS A 38 -9.21 -2.96 -32.05
CA LYS A 38 -10.40 -3.14 -32.93
C LYS A 38 -11.12 -4.47 -32.64
N GLU A 39 -10.36 -5.56 -32.38
CA GLU A 39 -10.86 -6.94 -32.08
C GLU A 39 -12.09 -6.87 -31.17
N TYR A 40 -12.03 -6.04 -30.12
CA TYR A 40 -12.97 -6.06 -28.95
C TYR A 40 -13.99 -4.93 -29.08
N LYS A 41 -14.10 -4.31 -30.25
CA LYS A 41 -15.00 -3.13 -30.47
C LYS A 41 -16.43 -3.45 -30.08
N GLU A 42 -16.99 -4.50 -30.66
CA GLU A 42 -18.42 -4.90 -30.49
C GLU A 42 -18.72 -5.03 -28.99
N LYS A 43 -17.74 -5.46 -28.19
CA LYS A 43 -17.88 -5.66 -26.72
C LYS A 43 -18.15 -4.30 -26.06
N ILE A 44 -17.46 -3.25 -26.52
CA ILE A 44 -17.63 -1.85 -26.07
C ILE A 44 -18.83 -1.21 -26.81
N THR A 45 -18.95 -1.30 -28.14
CA THR A 45 -20.13 -0.69 -28.83
C THR A 45 -21.41 -1.23 -28.18
N ALA A 46 -21.47 -2.52 -27.87
CA ALA A 46 -22.63 -3.21 -27.25
C ALA A 46 -23.21 -2.45 -26.05
N LEU A 47 -22.35 -1.76 -25.28
CA LEU A 47 -22.72 -1.03 -24.04
C LEU A 47 -23.29 0.37 -24.38
N ASP A 48 -23.16 0.81 -25.64
CA ASP A 48 -23.51 2.17 -26.15
C ASP A 48 -22.51 3.15 -25.53
N ILE A 49 -21.21 2.94 -25.80
CA ILE A 49 -20.10 3.71 -25.19
C ILE A 49 -19.17 4.13 -26.33
N GLU A 50 -18.75 5.39 -26.32
CA GLU A 50 -17.88 5.94 -27.38
C GLU A 50 -16.65 5.04 -27.45
N PHE A 51 -16.45 4.33 -28.56
CA PHE A 51 -15.28 3.45 -28.72
C PHE A 51 -14.20 4.19 -29.50
N ARG A 52 -12.92 3.96 -29.17
CA ARG A 52 -11.80 4.44 -29.98
C ARG A 52 -10.67 3.42 -29.93
N GLU A 53 -9.77 3.54 -30.89
CA GLU A 53 -8.77 2.53 -31.27
C GLU A 53 -7.37 3.04 -30.96
N TYR A 54 -6.44 2.11 -30.81
CA TYR A 54 -4.98 2.35 -30.77
C TYR A 54 -4.40 1.12 -31.44
N HIS A 55 -3.18 1.23 -31.98
CA HIS A 55 -2.49 0.16 -32.74
C HIS A 55 -2.37 -1.10 -31.87
N ASP A 56 -2.84 -2.24 -32.39
CA ASP A 56 -2.73 -3.55 -31.71
C ASP A 56 -1.26 -3.99 -31.75
N PHE A 57 -0.57 -3.89 -30.60
CA PHE A 57 0.88 -4.19 -30.47
C PHE A 57 1.11 -5.70 -30.34
N ARG A 58 0.07 -6.55 -30.28
CA ARG A 58 0.25 -8.03 -30.21
C ARG A 58 0.73 -8.54 -31.58
N GLY A 59 0.01 -8.18 -32.66
CA GLY A 59 0.34 -8.45 -34.08
C GLY A 59 1.53 -7.63 -34.58
N ASP A 60 2.17 -6.85 -33.70
CA ASP A 60 3.47 -6.16 -33.93
C ASP A 60 3.28 -5.07 -34.99
N ARG A 72 8.73 -13.39 -24.42
CA ARG A 72 8.90 -14.28 -23.25
C ARG A 72 10.24 -13.95 -22.53
N ASP A 73 11.26 -13.40 -23.20
CA ASP A 73 12.44 -12.88 -22.47
C ASP A 73 12.04 -11.58 -21.76
N PHE A 74 12.30 -11.51 -20.45
CA PHE A 74 11.74 -10.50 -19.50
C PHE A 74 12.03 -9.09 -20.03
N THR A 75 13.30 -8.88 -20.36
CA THR A 75 13.88 -7.57 -20.72
C THR A 75 13.32 -7.16 -22.10
N GLU A 76 13.01 -8.13 -22.98
CA GLU A 76 12.41 -7.86 -24.32
C GLU A 76 10.97 -7.40 -24.12
N MET A 77 10.26 -8.06 -23.19
CA MET A 77 8.83 -7.78 -22.90
C MET A 77 8.71 -6.37 -22.30
N LEU A 78 9.64 -5.98 -21.42
CA LEU A 78 9.71 -4.59 -20.85
C LEU A 78 9.77 -3.59 -21.99
N CYS A 79 10.76 -3.74 -22.88
CA CYS A 79 11.00 -2.88 -24.06
C CYS A 79 9.77 -2.89 -24.99
N ALA A 80 9.20 -4.04 -25.36
CA ALA A 80 7.99 -4.04 -26.20
C ALA A 80 6.92 -3.17 -25.52
N PHE A 81 6.67 -3.38 -24.21
CA PHE A 81 5.61 -2.66 -23.47
C PHE A 81 5.96 -1.16 -23.37
N LEU A 82 7.22 -0.78 -23.32
CA LEU A 82 7.57 0.66 -23.34
C LEU A 82 7.39 1.23 -24.75
N LYS A 83 7.78 0.51 -25.81
CA LYS A 83 7.55 1.02 -27.20
C LYS A 83 6.05 1.32 -27.31
N ALA A 84 5.20 0.39 -26.90
CA ALA A 84 3.73 0.48 -27.08
C ALA A 84 3.16 1.62 -26.22
N CYS A 85 3.66 1.79 -24.99
CA CYS A 85 3.26 2.87 -24.06
C CYS A 85 3.39 4.22 -24.79
N LYS A 86 4.58 4.46 -25.32
CA LYS A 86 4.98 5.67 -26.08
C LYS A 86 4.04 5.91 -27.26
N ASP A 87 3.69 4.86 -28.03
CA ASP A 87 2.83 4.98 -29.23
C ASP A 87 1.39 5.25 -28.81
N ILE A 88 0.92 4.53 -27.79
CA ILE A 88 -0.48 4.65 -27.30
C ILE A 88 -0.62 6.03 -26.65
N ALA A 89 0.32 6.43 -25.79
CA ALA A 89 0.22 7.68 -25.02
C ALA A 89 0.15 8.86 -26.00
N THR A 90 1.13 8.95 -26.93
CA THR A 90 1.17 9.90 -28.08
C THR A 90 -0.18 9.88 -28.84
N HIS A 91 -0.61 8.72 -29.34
CA HIS A 91 -1.84 8.61 -30.17
C HIS A 91 -3.05 9.12 -29.37
N ILE A 92 -3.28 8.57 -28.18
CA ILE A 92 -4.49 8.89 -27.37
C ILE A 92 -4.44 10.37 -26.97
N TYR A 93 -3.32 10.88 -26.42
CA TYR A 93 -3.21 12.30 -25.99
C TYR A 93 -3.55 13.17 -27.22
N GLU A 94 -3.05 12.83 -28.41
CA GLU A 94 -3.31 13.68 -29.61
C GLU A 94 -4.81 13.92 -29.71
N GLU A 95 -5.62 12.91 -29.41
CA GLU A 95 -7.08 12.94 -29.65
C GLU A 95 -7.83 13.56 -28.47
N VAL A 96 -7.37 13.36 -27.23
CA VAL A 96 -8.17 13.69 -26.01
C VAL A 96 -7.78 15.06 -25.43
N LYS A 97 -6.61 15.59 -25.80
CA LYS A 97 -6.00 16.82 -25.22
C LYS A 97 -7.05 17.94 -25.03
N HIS A 98 -7.95 18.18 -26.00
CA HIS A 98 -8.94 19.32 -25.99
C HIS A 98 -10.25 18.91 -25.32
N GLU A 99 -10.46 17.62 -25.10
CA GLU A 99 -11.71 17.11 -24.48
C GLU A 99 -11.67 17.44 -22.99
N SER A 100 -12.83 17.59 -22.36
CA SER A 100 -12.97 17.79 -20.90
C SER A 100 -13.27 16.44 -20.20
N TYR A 101 -12.29 15.82 -19.55
CA TYR A 101 -12.42 14.59 -18.73
C TYR A 101 -12.27 14.96 -17.24
N ASP A 102 -13.03 14.29 -16.37
CA ASP A 102 -12.96 14.45 -14.89
C ASP A 102 -12.01 13.43 -14.23
N TYR A 103 -11.73 12.30 -14.88
CA TYR A 103 -10.85 11.22 -14.37
C TYR A 103 -10.67 10.15 -15.45
N VAL A 104 -9.63 9.35 -15.26
CA VAL A 104 -9.26 8.23 -16.16
C VAL A 104 -9.35 6.89 -15.41
N ILE A 105 -9.90 5.87 -16.07
CA ILE A 105 -9.73 4.44 -15.67
C ILE A 105 -8.92 3.73 -16.75
N TYR A 106 -8.11 2.74 -16.37
CA TYR A 106 -7.21 2.06 -17.34
C TYR A 106 -6.88 0.68 -16.81
N ASP A 107 -6.44 -0.19 -17.71
CA ASP A 107 -6.00 -1.54 -17.34
C ASP A 107 -4.65 -1.38 -16.62
N HIS A 108 -4.59 -2.01 -15.44
CA HIS A 108 -3.42 -2.07 -14.51
C HIS A 108 -2.16 -2.44 -15.27
N HIS A 109 -2.31 -3.25 -16.31
CA HIS A 109 -1.16 -3.77 -17.10
C HIS A 109 -0.83 -2.84 -18.29
N LEU A 110 -1.53 -1.70 -18.48
CA LEU A 110 -1.23 -0.70 -19.56
C LEU A 110 -0.67 0.62 -19.00
N LEU A 111 0.66 0.74 -18.92
CA LEU A 111 1.39 1.91 -18.37
C LEU A 111 0.92 3.18 -19.05
N ALA A 112 0.57 3.10 -20.34
CA ALA A 112 0.18 4.28 -21.16
C ALA A 112 -1.00 4.94 -20.47
N GLY A 113 -1.82 4.13 -19.81
CA GLY A 113 -2.99 4.63 -19.06
C GLY A 113 -2.59 5.66 -18.01
N LYS A 114 -1.58 5.31 -17.20
CA LYS A 114 -1.02 6.16 -16.12
C LYS A 114 -0.39 7.41 -16.74
N VAL A 115 0.20 7.25 -17.90
CA VAL A 115 0.92 8.35 -18.63
C VAL A 115 -0.13 9.32 -19.16
N ILE A 116 -1.24 8.81 -19.73
CA ILE A 116 -2.34 9.69 -20.22
C ILE A 116 -2.83 10.47 -19.00
N ALA A 117 -3.03 9.81 -17.86
CA ALA A 117 -3.55 10.41 -16.61
C ALA A 117 -2.62 11.57 -16.19
N ASN A 118 -1.31 11.37 -16.35
CA ASN A 118 -0.28 12.37 -16.00
C ASN A 118 -0.33 13.53 -16.99
N MET A 119 -0.52 13.30 -18.29
CA MET A 119 -0.63 14.41 -19.29
C MET A 119 -1.91 15.25 -19.10
N LEU A 120 -3.05 14.65 -18.73
CA LEU A 120 -4.32 15.39 -18.50
C LEU A 120 -4.40 15.99 -17.08
N LYS A 121 -3.44 15.66 -16.20
CA LYS A 121 -3.36 16.04 -14.75
C LYS A 121 -4.68 15.67 -14.05
N LEU A 122 -5.11 14.41 -14.15
CA LEU A 122 -6.43 13.94 -13.62
C LEU A 122 -6.22 12.84 -12.58
N PRO A 123 -7.19 12.68 -11.68
CA PRO A 123 -7.29 11.46 -10.87
C PRO A 123 -7.41 10.19 -11.73
N ARG A 124 -6.84 9.08 -11.29
CA ARG A 124 -6.80 7.85 -12.11
C ARG A 124 -6.97 6.59 -11.24
N PHE A 125 -7.50 5.54 -11.86
CA PHE A 125 -7.82 4.23 -11.22
C PHE A 125 -7.40 3.08 -12.15
N SER A 126 -6.66 2.11 -11.64
CA SER A 126 -6.25 0.92 -12.43
C SER A 126 -7.22 -0.24 -12.12
N LEU A 127 -7.51 -1.05 -13.13
CA LEU A 127 -8.31 -2.29 -13.02
C LEU A 127 -7.37 -3.46 -13.21
N CYS A 128 -7.15 -4.23 -12.17
CA CYS A 128 -6.24 -5.38 -12.18
C CYS A 128 -7.04 -6.67 -12.40
N THR A 129 -6.82 -7.35 -13.55
CA THR A 129 -7.65 -8.47 -14.04
C THR A 129 -6.94 -9.79 -13.76
N THR A 130 -5.77 -9.70 -13.13
CA THR A 130 -5.01 -10.87 -12.64
C THR A 130 -5.07 -10.78 -11.12
N PHE A 131 -4.39 -11.66 -10.42
CA PHE A 131 -4.14 -11.49 -8.97
C PHE A 131 -3.36 -10.19 -8.87
N ALA A 132 -3.52 -9.45 -7.77
CA ALA A 132 -2.63 -8.35 -7.37
C ALA A 132 -1.21 -8.91 -7.28
N MET A 133 -0.23 -8.14 -7.77
CA MET A 133 1.21 -8.51 -7.78
C MET A 133 2.00 -7.37 -7.16
N ASN A 134 3.00 -7.74 -6.34
CA ASN A 134 4.06 -6.87 -5.79
C ASN A 134 5.38 -7.52 -6.16
N GLU A 135 6.49 -7.06 -5.55
CA GLU A 135 7.87 -7.51 -5.85
C GLU A 135 8.07 -8.97 -5.40
N GLU A 136 7.10 -9.54 -4.67
CA GLU A 136 7.24 -10.91 -4.10
C GLU A 136 6.58 -11.96 -5.02
N PHE A 137 6.28 -11.58 -6.25
CA PHE A 137 5.69 -12.46 -7.31
C PHE A 137 6.73 -12.65 -8.42
N ALA A 138 6.80 -13.87 -8.96
CA ALA A 138 7.77 -14.26 -10.00
C ALA A 138 7.37 -13.65 -11.36
N LYS A 139 8.30 -12.95 -12.04
CA LYS A 139 8.27 -12.62 -13.49
C LYS A 139 7.46 -13.63 -14.30
N GLU A 140 7.55 -14.92 -13.96
CA GLU A 140 6.95 -16.07 -14.69
C GLU A 140 5.42 -16.00 -14.74
N MET A 141 4.77 -15.35 -13.75
CA MET A 141 3.29 -15.13 -13.68
C MET A 141 2.82 -14.18 -14.80
N MET A 142 3.67 -13.24 -15.22
CA MET A 142 3.35 -12.34 -16.38
C MET A 142 3.93 -12.95 -17.67
N GLY A 143 4.50 -14.16 -17.58
CA GLY A 143 4.83 -15.04 -18.73
C GLY A 143 6.24 -14.82 -19.25
N ALA A 144 7.18 -14.43 -18.39
CA ALA A 144 8.59 -14.09 -18.69
C ALA A 144 9.54 -14.90 -17.80
N TYR A 145 10.69 -15.34 -18.34
CA TYR A 145 11.86 -15.80 -17.56
C TYR A 145 13.05 -14.90 -17.92
N MET A 146 14.10 -15.01 -17.10
CA MET A 146 15.48 -14.60 -17.40
C MET A 146 16.36 -15.85 -17.46
N LYS A 147 17.19 -16.00 -18.50
CA LYS A 147 18.11 -17.17 -18.66
C LYS A 147 19.12 -17.15 -17.52
N GLY A 148 19.77 -16.00 -17.32
CA GLY A 148 20.75 -15.77 -16.24
C GLY A 148 20.55 -14.41 -15.61
N SER A 149 21.56 -13.53 -15.74
CA SER A 149 21.64 -12.21 -15.05
C SER A 149 20.86 -11.19 -15.89
N LEU A 150 20.40 -10.13 -15.22
CA LEU A 150 19.65 -9.03 -15.87
C LEU A 150 20.59 -8.27 -16.83
N GLU A 151 21.83 -7.98 -16.41
CA GLU A 151 22.95 -7.35 -17.20
C GLU A 151 23.07 -7.95 -18.61
N ASP A 152 23.19 -9.28 -18.69
CA ASP A 152 23.51 -10.07 -19.90
C ASP A 152 22.23 -10.33 -20.71
N SER A 153 21.07 -9.86 -20.21
CA SER A 153 19.78 -9.88 -20.95
C SER A 153 19.90 -8.98 -22.18
N PRO A 154 19.51 -9.48 -23.38
CA PRO A 154 19.71 -8.76 -24.64
C PRO A 154 19.16 -7.34 -24.77
N HIS A 155 17.98 -7.05 -24.21
CA HIS A 155 17.34 -5.71 -24.24
C HIS A 155 17.60 -4.96 -22.91
N TYR A 156 18.64 -5.31 -22.16
CA TYR A 156 18.90 -4.67 -20.85
C TYR A 156 19.09 -3.16 -21.06
N GLU A 157 20.06 -2.80 -21.92
CA GLU A 157 20.47 -1.39 -22.14
C GLU A 157 19.35 -0.65 -22.86
N GLU A 158 18.58 -1.31 -23.75
CA GLU A 158 17.37 -0.73 -24.37
C GLU A 158 16.37 -0.34 -23.26
N TYR A 159 16.07 -1.27 -22.34
CA TYR A 159 15.15 -0.99 -21.21
C TYR A 159 15.62 0.29 -20.48
N GLN A 160 16.91 0.41 -20.21
CA GLN A 160 17.46 1.58 -19.47
C GLN A 160 17.27 2.87 -20.31
N GLN A 161 17.34 2.79 -21.62
CA GLN A 161 17.17 3.97 -22.52
C GLN A 161 15.70 4.38 -22.53
N LEU A 162 14.79 3.43 -22.80
CA LEU A 162 13.33 3.69 -23.00
C LEU A 162 12.70 4.16 -21.68
N ALA A 163 13.05 3.51 -20.56
CA ALA A 163 12.53 3.86 -19.22
C ALA A 163 12.94 5.31 -18.94
N GLU A 164 14.19 5.63 -19.25
CA GLU A 164 14.77 6.97 -18.98
C GLU A 164 14.00 8.02 -19.79
N THR A 165 13.89 7.81 -21.10
CA THR A 165 13.13 8.68 -22.04
C THR A 165 11.66 8.83 -21.63
N LEU A 166 10.99 7.74 -21.26
CA LEU A 166 9.56 7.76 -20.85
C LEU A 166 9.38 8.52 -19.52
N ASN A 167 10.35 8.43 -18.62
CA ASN A 167 10.36 9.23 -17.37
C ASN A 167 10.52 10.73 -17.68
N ALA A 168 11.44 11.14 -18.55
CA ALA A 168 11.77 12.56 -18.82
C ALA A 168 10.68 13.18 -19.71
N ASP A 169 10.21 12.47 -20.74
CA ASP A 169 9.34 13.04 -21.81
C ASP A 169 7.86 12.66 -21.66
N PHE A 170 7.49 11.75 -20.76
CA PHE A 170 6.12 11.16 -20.65
C PHE A 170 5.68 10.96 -19.20
N GLN A 171 6.46 11.40 -18.22
CA GLN A 171 6.13 11.35 -16.77
C GLN A 171 5.66 9.94 -16.41
N ALA A 172 6.40 8.93 -16.85
CA ALA A 172 6.03 7.51 -16.80
C ALA A 172 6.28 6.94 -15.39
N GLU A 173 7.03 7.67 -14.57
CA GLU A 173 7.41 7.39 -13.14
C GLU A 173 7.70 5.90 -12.96
N ILE A 174 8.67 5.40 -13.75
CA ILE A 174 9.24 4.02 -13.73
C ILE A 174 10.50 4.01 -12.86
N LYS A 175 10.42 3.43 -11.67
CA LYS A 175 11.53 3.35 -10.68
C LYS A 175 12.12 1.94 -10.70
N LYS A 176 11.49 1.02 -11.43
CA LYS A 176 11.69 -0.45 -11.26
C LYS A 176 11.09 -1.14 -12.49
N PRO A 177 11.68 -2.22 -13.00
CA PRO A 177 11.04 -2.97 -14.08
C PRO A 177 9.53 -3.23 -13.92
N PHE A 178 9.11 -3.78 -12.79
CA PHE A 178 7.70 -4.17 -12.49
C PHE A 178 6.73 -2.99 -12.71
N ASP A 179 7.19 -1.75 -12.61
CA ASP A 179 6.38 -0.52 -12.84
C ASP A 179 6.00 -0.41 -14.33
N VAL A 180 6.72 -1.11 -15.21
CA VAL A 180 6.31 -1.20 -16.64
C VAL A 180 4.95 -1.91 -16.75
N PHE A 181 4.68 -2.94 -15.93
CA PHE A 181 3.57 -3.92 -16.12
C PHE A 181 2.49 -3.78 -15.03
N LEU A 182 2.80 -3.04 -13.97
CA LEU A 182 1.95 -2.89 -12.77
C LEU A 182 1.85 -1.39 -12.46
N ALA A 183 0.86 -0.74 -13.06
CA ALA A 183 0.71 0.74 -13.14
C ALA A 183 -0.35 1.21 -12.14
N ASP A 184 -0.08 1.12 -10.85
CA ASP A 184 -1.07 1.50 -9.79
C ASP A 184 -1.69 2.88 -10.07
N GLY A 185 -3.03 2.95 -10.05
CA GLY A 185 -3.77 4.21 -9.96
C GLY A 185 -3.83 4.75 -8.54
N ASP A 186 -4.66 5.78 -8.31
CA ASP A 186 -4.99 6.30 -6.96
C ASP A 186 -5.63 5.17 -6.16
N LEU A 187 -6.39 4.32 -6.86
CA LEU A 187 -6.83 2.99 -6.36
C LEU A 187 -6.51 1.96 -7.44
N THR A 188 -6.31 0.71 -7.05
CA THR A 188 -6.29 -0.46 -7.95
C THR A 188 -7.48 -1.37 -7.59
N ILE A 189 -8.49 -1.40 -8.45
CA ILE A 189 -9.59 -2.39 -8.35
C ILE A 189 -8.97 -3.74 -8.72
N VAL A 190 -9.11 -4.74 -7.87
CA VAL A 190 -8.72 -6.15 -8.16
C VAL A 190 -9.99 -6.99 -8.13
N PHE A 191 -10.18 -7.82 -9.15
CA PHE A 191 -11.37 -8.64 -9.44
C PHE A 191 -11.22 -10.03 -8.82
N THR A 192 -10.80 -10.03 -7.57
CA THR A 192 -10.83 -11.21 -6.69
C THR A 192 -11.06 -10.68 -5.27
N SER A 193 -11.32 -11.61 -4.36
CA SER A 193 -11.49 -11.38 -2.91
C SER A 193 -10.12 -11.53 -2.25
N ARG A 194 -9.90 -10.86 -1.11
CA ARG A 194 -8.69 -11.03 -0.24
C ARG A 194 -8.56 -12.52 0.08
N GLY A 195 -9.69 -13.20 0.31
CA GLY A 195 -9.79 -14.65 0.55
C GLY A 195 -9.06 -15.47 -0.50
N PHE A 196 -9.27 -15.19 -1.78
CA PHE A 196 -8.67 -15.95 -2.91
C PHE A 196 -7.27 -15.46 -3.24
N GLN A 197 -7.01 -14.18 -3.01
CA GLN A 197 -5.72 -13.49 -3.31
C GLN A 197 -4.62 -14.02 -2.42
N PRO A 198 -3.56 -14.67 -2.96
CA PRO A 198 -2.43 -15.08 -2.13
C PRO A 198 -1.70 -13.84 -1.55
N LEU A 199 -1.22 -13.90 -0.30
CA LEU A 199 -0.47 -12.80 0.35
C LEU A 199 -1.31 -11.51 0.33
N ALA A 200 -2.63 -11.64 0.46
CA ALA A 200 -3.60 -10.52 0.46
C ALA A 200 -3.13 -9.42 1.41
N GLU A 201 -2.68 -9.78 2.62
CA GLU A 201 -2.22 -8.86 3.71
C GLU A 201 -1.08 -7.94 3.21
N GLN A 202 -0.43 -8.21 2.08
CA GLN A 202 0.68 -7.37 1.57
C GLN A 202 0.14 -6.22 0.68
N PHE A 203 -1.17 -5.98 0.65
CA PHE A 203 -1.81 -4.95 -0.21
C PHE A 203 -2.71 -4.05 0.64
N GLY A 204 -2.38 -2.77 0.70
CA GLY A 204 -3.05 -1.77 1.55
C GLY A 204 -4.44 -1.44 1.04
N GLU A 205 -5.02 -0.36 1.57
CA GLU A 205 -6.45 -0.02 1.33
C GLU A 205 -6.65 0.52 -0.09
N ARG A 206 -5.59 0.98 -0.75
CA ARG A 206 -5.65 1.46 -2.15
C ARG A 206 -5.91 0.30 -3.13
N TYR A 207 -5.66 -0.95 -2.71
CA TYR A 207 -6.11 -2.17 -3.41
C TYR A 207 -7.53 -2.49 -2.91
N VAL A 208 -8.52 -2.34 -3.79
CA VAL A 208 -9.95 -2.64 -3.50
C VAL A 208 -10.32 -3.98 -4.16
N PHE A 209 -10.38 -5.01 -3.34
CA PHE A 209 -10.69 -6.40 -3.77
C PHE A 209 -12.22 -6.54 -3.87
N VAL A 210 -12.75 -6.45 -5.10
CA VAL A 210 -14.21 -6.36 -5.41
C VAL A 210 -14.70 -7.73 -5.91
N GLY A 211 -13.79 -8.71 -6.05
CA GLY A 211 -14.13 -10.01 -6.65
C GLY A 211 -14.52 -9.88 -8.13
N PRO A 212 -15.12 -10.92 -8.73
CA PRO A 212 -15.37 -10.92 -10.16
C PRO A 212 -16.42 -9.87 -10.52
N SER A 213 -16.32 -9.36 -11.74
CA SER A 213 -17.18 -8.33 -12.37
C SER A 213 -18.02 -9.05 -13.44
N ILE A 214 -19.19 -9.53 -13.03
CA ILE A 214 -20.18 -10.33 -13.80
C ILE A 214 -21.30 -9.39 -14.25
N THR A 215 -21.63 -9.36 -15.55
CA THR A 215 -22.88 -8.80 -16.11
C THR A 215 -23.09 -9.33 -17.52
N GLU A 216 -24.34 -9.35 -17.98
CA GLU A 216 -24.69 -9.69 -19.38
C GLU A 216 -23.74 -8.90 -20.32
N ARG A 217 -23.00 -9.62 -21.14
CA ARG A 217 -22.36 -9.13 -22.39
C ARG A 217 -23.39 -9.30 -23.51
N HIS A 218 -23.10 -8.85 -24.72
CA HIS A 218 -24.05 -8.99 -25.87
C HIS A 218 -23.32 -9.77 -26.97
N GLY A 219 -24.07 -10.60 -27.70
CA GLY A 219 -23.57 -11.73 -28.52
C GLY A 219 -24.06 -13.06 -27.98
N ASN A 220 -24.52 -13.09 -26.74
CA ASN A 220 -25.02 -14.32 -26.07
C ASN A 220 -26.10 -14.97 -26.91
N ASN A 221 -27.18 -14.24 -27.16
CA ASN A 221 -28.31 -14.81 -27.93
C ASN A 221 -27.90 -15.11 -29.39
N ASP A 222 -27.61 -16.38 -29.63
CA ASP A 222 -27.28 -17.12 -30.87
C ASP A 222 -27.17 -18.57 -30.40
N PHE A 223 -26.57 -18.75 -29.23
CA PHE A 223 -26.41 -20.09 -28.64
C PHE A 223 -27.80 -20.69 -28.36
N PRO A 224 -28.03 -21.98 -28.62
CA PRO A 224 -29.32 -22.62 -28.29
C PRO A 224 -29.41 -23.11 -26.84
N PHE A 225 -29.73 -22.20 -25.91
CA PHE A 225 -29.92 -22.47 -24.46
C PHE A 225 -30.94 -23.62 -24.22
N ASP A 226 -32.03 -23.66 -24.99
CA ASP A 226 -33.12 -24.67 -24.90
C ASP A 226 -32.54 -26.08 -25.02
N GLN A 227 -31.34 -26.25 -25.60
CA GLN A 227 -30.72 -27.59 -25.75
C GLN A 227 -30.04 -28.04 -24.43
N ILE A 228 -29.70 -27.10 -23.56
CA ILE A 228 -28.90 -27.39 -22.33
C ILE A 228 -29.64 -26.97 -21.06
N ASP A 229 -30.85 -26.42 -21.17
CA ASP A 229 -31.56 -25.76 -20.03
C ASP A 229 -31.99 -26.79 -18.96
N ASN A 230 -32.39 -27.99 -19.36
CA ASN A 230 -32.94 -29.00 -18.41
C ASN A 230 -32.05 -30.24 -18.43
N GLU A 231 -30.76 -30.03 -18.65
CA GLU A 231 -29.74 -31.08 -18.88
C GLU A 231 -28.57 -30.88 -17.93
N ASN A 232 -27.85 -31.95 -17.62
CA ASN A 232 -26.46 -31.91 -17.11
C ASN A 232 -25.60 -31.24 -18.20
N VAL A 233 -24.72 -30.30 -17.85
CA VAL A 233 -23.82 -29.59 -18.81
C VAL A 233 -22.35 -29.63 -18.34
N LEU A 234 -21.50 -30.31 -19.12
CA LEU A 234 -20.03 -30.24 -19.01
C LEU A 234 -19.54 -29.13 -19.95
N PHE A 235 -18.88 -28.10 -19.43
CA PHE A 235 -18.31 -26.97 -20.21
C PHE A 235 -16.79 -27.07 -20.24
N ILE A 236 -16.18 -26.85 -21.41
CA ILE A 236 -14.71 -26.95 -21.64
C ILE A 236 -14.27 -25.78 -22.52
N SER A 237 -13.26 -25.05 -22.07
CA SER A 237 -12.62 -23.91 -22.78
C SER A 237 -11.21 -23.80 -22.27
N MET A 238 -10.24 -23.67 -23.19
CA MET A 238 -8.80 -23.49 -22.88
C MET A 238 -8.44 -22.01 -23.02
N GLY A 239 -9.45 -21.14 -23.11
CA GLY A 239 -9.28 -19.69 -23.13
C GLY A 239 -9.28 -19.14 -24.54
N THR A 240 -8.51 -18.08 -24.74
CA THR A 240 -8.74 -17.07 -25.79
C THR A 240 -7.38 -16.76 -26.40
N THR A 241 -6.38 -17.57 -26.07
CA THR A 241 -4.94 -17.24 -26.17
C THR A 241 -4.12 -18.52 -26.30
N PHE A 242 -4.39 -19.52 -25.47
CA PHE A 242 -3.67 -20.82 -25.53
C PHE A 242 -4.40 -21.67 -26.56
N ASN A 243 -3.89 -21.55 -27.79
CA ASN A 243 -4.06 -22.45 -28.95
C ASN A 243 -2.92 -23.48 -28.94
N ASN A 244 -2.68 -24.22 -30.03
CA ASN A 244 -1.85 -25.47 -30.09
C ASN A 244 -2.68 -26.61 -29.49
N GLN A 245 -3.99 -26.56 -29.69
CA GLN A 245 -4.99 -27.16 -28.76
C GLN A 245 -5.90 -28.17 -29.46
N LYS A 246 -5.91 -28.20 -30.80
CA LYS A 246 -6.67 -29.17 -31.64
C LYS A 246 -6.46 -30.59 -31.12
N GLN A 247 -5.24 -30.92 -30.71
CA GLN A 247 -4.85 -32.18 -30.04
C GLN A 247 -5.75 -32.38 -28.81
N PHE A 248 -5.89 -31.35 -27.99
CA PHE A 248 -6.61 -31.43 -26.69
C PHE A 248 -8.12 -31.57 -26.94
N PHE A 249 -8.68 -30.79 -27.87
CA PHE A 249 -10.12 -30.86 -28.21
C PHE A 249 -10.47 -32.26 -28.79
N ASN A 250 -9.65 -32.78 -29.72
CA ASN A 250 -9.72 -34.21 -30.14
C ASN A 250 -9.81 -35.15 -28.92
N GLN A 251 -8.95 -34.98 -27.91
CA GLN A 251 -8.98 -35.79 -26.66
C GLN A 251 -10.31 -35.60 -25.92
N CYS A 252 -10.86 -34.37 -25.90
CA CYS A 252 -12.20 -34.06 -25.29
C CYS A 252 -13.34 -34.76 -26.06
N LEU A 253 -13.28 -34.82 -27.39
CA LEU A 253 -14.27 -35.54 -28.22
C LEU A 253 -14.32 -37.01 -27.82
N GLU A 254 -13.17 -37.71 -27.67
CA GLU A 254 -13.15 -39.14 -27.23
C GLU A 254 -13.56 -39.31 -25.75
N VAL A 255 -13.05 -38.50 -24.83
CA VAL A 255 -13.22 -38.69 -23.35
C VAL A 255 -14.69 -38.53 -22.97
N CYS A 256 -15.41 -37.61 -23.59
CA CYS A 256 -16.74 -37.12 -23.13
C CYS A 256 -17.90 -37.60 -24.04
N LYS A 257 -17.65 -38.44 -25.05
CA LYS A 257 -18.67 -38.79 -26.08
C LYS A 257 -19.81 -39.60 -25.44
N ASP A 258 -19.58 -40.27 -24.31
CA ASP A 258 -20.65 -41.03 -23.60
C ASP A 258 -21.14 -40.27 -22.36
N PHE A 259 -20.79 -38.99 -22.23
CA PHE A 259 -21.36 -38.13 -21.17
C PHE A 259 -22.89 -38.14 -21.30
N ASP A 260 -23.54 -38.19 -20.14
CA ASP A 260 -25.02 -38.31 -19.97
C ASP A 260 -25.60 -36.90 -19.86
N GLY A 261 -25.58 -36.16 -20.97
CA GLY A 261 -26.01 -34.77 -21.08
C GLY A 261 -25.33 -34.08 -22.26
N LYS A 262 -25.05 -32.78 -22.12
CA LYS A 262 -24.50 -31.94 -23.22
C LYS A 262 -23.07 -31.55 -22.88
N VAL A 263 -22.21 -31.54 -23.88
CA VAL A 263 -20.80 -31.12 -23.74
C VAL A 263 -20.63 -29.86 -24.59
N VAL A 264 -20.24 -28.77 -23.95
CA VAL A 264 -20.12 -27.45 -24.60
C VAL A 264 -18.63 -27.13 -24.72
N LEU A 265 -18.12 -27.26 -25.94
CA LEU A 265 -16.71 -27.06 -26.30
C LEU A 265 -16.58 -25.67 -26.94
N SER A 266 -15.83 -24.78 -26.30
CA SER A 266 -15.38 -23.50 -26.91
C SER A 266 -13.91 -23.67 -27.30
N ILE A 267 -13.64 -23.72 -28.61
CA ILE A 267 -12.33 -24.12 -29.18
C ILE A 267 -11.50 -22.87 -29.56
N GLY A 268 -12.09 -21.68 -29.46
CA GLY A 268 -11.41 -20.43 -29.82
C GLY A 268 -11.52 -20.16 -31.31
N LYS A 269 -10.80 -19.16 -31.80
CA LYS A 269 -11.12 -18.44 -33.07
C LYS A 269 -10.12 -18.81 -34.16
N HIS A 270 -9.12 -19.61 -33.78
CA HIS A 270 -7.99 -19.97 -34.65
C HIS A 270 -8.00 -21.44 -35.00
N ILE A 271 -9.13 -22.08 -34.81
CA ILE A 271 -9.24 -23.52 -35.18
C ILE A 271 -10.66 -23.77 -35.69
N LYS A 272 -10.77 -24.08 -36.99
CA LYS A 272 -12.08 -24.37 -37.60
C LYS A 272 -12.61 -25.65 -36.98
N THR A 273 -13.91 -25.73 -36.71
CA THR A 273 -14.49 -26.93 -36.04
C THR A 273 -14.43 -28.17 -36.95
N SER A 274 -14.40 -27.98 -38.26
CA SER A 274 -14.26 -29.06 -39.28
C SER A 274 -12.84 -29.65 -39.28
N GLU A 275 -11.86 -28.98 -38.69
CA GLU A 275 -10.46 -29.45 -38.58
C GLU A 275 -10.33 -30.46 -37.46
N LEU A 276 -11.32 -30.60 -36.61
CA LEU A 276 -11.24 -31.58 -35.52
C LEU A 276 -11.72 -32.93 -36.02
N ASN A 277 -11.87 -33.88 -35.11
CA ASN A 277 -12.40 -35.22 -35.46
C ASN A 277 -13.93 -35.19 -35.47
N ASP A 278 -14.55 -36.34 -35.61
CA ASP A 278 -16.04 -36.33 -35.64
C ASP A 278 -16.51 -35.79 -34.29
N ILE A 279 -17.47 -34.87 -34.34
CA ILE A 279 -18.16 -34.33 -33.15
C ILE A 279 -19.20 -35.38 -32.77
N PRO A 280 -19.22 -35.92 -31.53
CA PRO A 280 -20.32 -36.78 -31.12
C PRO A 280 -21.63 -35.98 -31.07
N GLU A 281 -22.76 -36.69 -31.03
CA GLU A 281 -24.11 -36.11 -31.24
C GLU A 281 -24.52 -35.23 -30.05
N ASN A 282 -23.85 -35.40 -28.90
CA ASN A 282 -24.15 -34.72 -27.60
C ASN A 282 -23.30 -33.45 -27.36
N PHE A 283 -22.55 -32.97 -28.37
CA PHE A 283 -21.62 -31.81 -28.25
C PHE A 283 -22.21 -30.57 -28.91
N ILE A 284 -22.01 -29.42 -28.28
CA ILE A 284 -22.16 -28.12 -28.97
C ILE A 284 -20.76 -27.50 -29.00
N VAL A 285 -20.16 -27.45 -30.19
CA VAL A 285 -18.77 -26.94 -30.40
C VAL A 285 -18.86 -25.61 -31.13
N ARG A 286 -18.34 -24.55 -30.52
CA ARG A 286 -18.35 -23.19 -31.11
C ARG A 286 -16.98 -22.56 -30.91
N PRO A 287 -16.53 -21.66 -31.81
CA PRO A 287 -15.31 -20.87 -31.56
C PRO A 287 -15.44 -19.99 -30.31
N TYR A 288 -16.62 -19.43 -30.05
CA TYR A 288 -16.91 -18.55 -28.89
C TYR A 288 -18.29 -18.89 -28.31
N VAL A 289 -18.43 -18.99 -26.99
CA VAL A 289 -19.75 -19.13 -26.29
C VAL A 289 -19.94 -17.97 -25.33
N PRO A 290 -21.21 -17.65 -24.97
CA PRO A 290 -21.50 -16.77 -23.85
C PRO A 290 -21.21 -17.55 -22.56
N GLN A 291 -19.94 -17.49 -22.13
CA GLN A 291 -19.33 -18.29 -21.02
C GLN A 291 -20.13 -18.07 -19.73
N LEU A 292 -20.62 -16.86 -19.47
CA LEU A 292 -21.32 -16.58 -18.19
C LEU A 292 -22.60 -17.41 -18.12
N GLU A 293 -23.34 -17.46 -19.23
CA GLU A 293 -24.65 -18.15 -19.37
C GLU A 293 -24.44 -19.67 -19.35
N ILE A 294 -23.34 -20.14 -19.96
CA ILE A 294 -22.93 -21.57 -19.98
C ILE A 294 -22.56 -21.94 -18.53
N LEU A 295 -21.82 -21.09 -17.83
CA LEU A 295 -21.41 -21.42 -16.44
C LEU A 295 -22.65 -21.44 -15.54
N LYS A 296 -23.65 -20.60 -15.85
CA LYS A 296 -24.92 -20.50 -15.07
C LYS A 296 -25.52 -21.90 -15.02
N ARG A 297 -25.41 -22.63 -16.15
CA ARG A 297 -26.08 -23.92 -16.42
C ARG A 297 -25.10 -25.09 -16.35
N ALA A 298 -23.82 -24.87 -16.01
CA ALA A 298 -22.75 -25.91 -16.05
C ALA A 298 -22.64 -26.63 -14.71
N SER A 299 -22.52 -27.97 -14.73
CA SER A 299 -22.20 -28.82 -13.55
C SER A 299 -20.70 -28.77 -13.24
N LEU A 300 -19.87 -28.71 -14.29
CA LEU A 300 -18.40 -28.83 -14.17
C LEU A 300 -17.75 -27.98 -15.26
N PHE A 301 -16.61 -27.36 -14.96
CA PHE A 301 -15.84 -26.55 -15.92
C PHE A 301 -14.43 -27.13 -16.03
N VAL A 302 -14.08 -27.63 -17.22
CA VAL A 302 -12.66 -27.95 -17.54
C VAL A 302 -12.04 -26.70 -18.16
N THR A 303 -11.08 -26.09 -17.46
CA THR A 303 -10.56 -24.74 -17.78
C THR A 303 -9.03 -24.75 -17.79
N HIS A 304 -8.41 -23.81 -18.49
CA HIS A 304 -6.92 -23.66 -18.55
C HIS A 304 -6.41 -22.98 -17.28
N GLY A 305 -7.29 -22.50 -16.42
CA GLY A 305 -6.87 -21.80 -15.18
C GLY A 305 -6.66 -20.32 -15.40
N GLY A 306 -7.09 -19.77 -16.54
CA GLY A 306 -7.15 -18.32 -16.75
C GLY A 306 -7.83 -17.64 -15.58
N MET A 307 -7.32 -16.49 -15.14
CA MET A 307 -7.84 -15.84 -13.91
C MET A 307 -9.36 -15.64 -14.01
N ASN A 308 -9.87 -15.22 -15.19
CA ASN A 308 -11.29 -14.83 -15.41
C ASN A 308 -12.18 -16.09 -15.51
N SER A 309 -11.78 -17.09 -16.28
CA SER A 309 -12.58 -18.34 -16.47
C SER A 309 -12.74 -19.01 -15.09
N THR A 310 -11.61 -19.13 -14.39
CA THR A 310 -11.49 -19.74 -13.03
C THR A 310 -12.41 -19.01 -12.07
N SER A 311 -12.33 -17.69 -12.02
CA SER A 311 -13.08 -16.91 -11.02
C SER A 311 -14.53 -16.67 -11.51
N GLU A 312 -14.81 -16.73 -12.82
CA GLU A 312 -16.22 -16.80 -13.33
C GLU A 312 -16.86 -18.14 -12.90
N GLY A 313 -16.10 -19.23 -12.98
CA GLY A 313 -16.61 -20.57 -12.61
C GLY A 313 -16.97 -20.65 -11.15
N LEU A 314 -16.06 -20.21 -10.28
CA LEU A 314 -16.24 -20.23 -8.81
C LEU A 314 -17.40 -19.28 -8.43
N TYR A 315 -17.50 -18.11 -9.05
CA TYR A 315 -18.64 -17.19 -8.86
C TYR A 315 -19.94 -17.97 -9.08
N PHE A 316 -19.99 -18.95 -9.98
CA PHE A 316 -21.23 -19.77 -10.19
C PHE A 316 -21.15 -21.08 -9.43
N GLU A 317 -20.20 -21.20 -8.50
CA GLU A 317 -20.13 -22.33 -7.54
C GLU A 317 -19.99 -23.61 -8.37
N THR A 318 -19.29 -23.47 -9.51
CA THR A 318 -18.90 -24.57 -10.43
C THR A 318 -17.60 -25.21 -9.95
N PRO A 319 -17.60 -26.51 -9.66
CA PRO A 319 -16.35 -27.24 -9.42
C PRO A 319 -15.58 -27.31 -10.74
N LEU A 320 -14.26 -27.30 -10.65
CA LEU A 320 -13.35 -27.12 -11.82
C LEU A 320 -12.43 -28.32 -11.94
N VAL A 321 -12.07 -28.67 -13.17
CA VAL A 321 -10.76 -29.33 -13.46
C VAL A 321 -9.94 -28.36 -14.33
N VAL A 322 -8.77 -28.02 -13.82
CA VAL A 322 -7.87 -26.94 -14.30
C VAL A 322 -6.64 -27.62 -14.89
N ILE A 323 -6.37 -27.34 -16.17
CA ILE A 323 -5.17 -27.84 -16.93
C ILE A 323 -4.32 -26.64 -17.29
N PRO A 324 -3.44 -26.16 -16.39
CA PRO A 324 -2.76 -24.88 -16.59
C PRO A 324 -1.62 -24.98 -17.60
N MET A 325 -1.46 -23.98 -18.46
CA MET A 325 -0.46 -24.07 -19.55
C MET A 325 0.58 -22.95 -19.44
N GLY A 326 0.20 -21.77 -18.96
CA GLY A 326 1.13 -20.62 -18.98
C GLY A 326 0.66 -19.43 -18.14
N ASN A 327 1.53 -18.42 -18.11
CA ASN A 327 1.32 -17.14 -17.40
C ASN A 327 0.90 -17.46 -15.93
N ASP A 328 -0.12 -16.74 -15.45
CA ASP A 328 -0.61 -16.77 -14.05
C ASP A 328 -1.34 -18.10 -13.81
N GLN A 329 -1.50 -18.94 -14.84
CA GLN A 329 -2.40 -20.11 -14.72
C GLN A 329 -1.90 -21.04 -13.60
N PHE A 330 -0.59 -21.15 -13.38
CA PHE A 330 -0.06 -22.11 -12.38
C PHE A 330 -0.45 -21.60 -10.99
N VAL A 331 -0.32 -20.30 -10.79
CA VAL A 331 -0.63 -19.62 -9.51
C VAL A 331 -2.15 -19.70 -9.28
N VAL A 332 -2.98 -19.54 -10.30
CA VAL A 332 -4.45 -19.62 -10.05
C VAL A 332 -4.82 -21.08 -9.82
N ALA A 333 -4.31 -22.00 -10.66
CA ALA A 333 -4.47 -23.47 -10.50
C ALA A 333 -4.25 -23.85 -9.03
N ASP A 334 -3.10 -23.46 -8.47
CA ASP A 334 -2.67 -23.77 -7.08
C ASP A 334 -3.66 -23.18 -6.08
N GLN A 335 -4.22 -22.02 -6.37
CA GLN A 335 -5.23 -21.40 -5.49
C GLN A 335 -6.51 -22.23 -5.53
N VAL A 336 -6.80 -22.93 -6.62
CA VAL A 336 -8.03 -23.76 -6.75
C VAL A 336 -7.81 -25.06 -5.95
N GLU A 337 -6.63 -25.65 -6.11
CA GLU A 337 -6.18 -26.82 -5.32
C GLU A 337 -6.23 -26.45 -3.83
N LYS A 338 -5.69 -25.27 -3.46
CA LYS A 338 -5.62 -24.77 -2.05
C LYS A 338 -7.03 -24.71 -1.44
N VAL A 339 -8.02 -24.11 -2.10
CA VAL A 339 -9.34 -23.78 -1.45
C VAL A 339 -10.32 -24.95 -1.61
N GLY A 340 -9.89 -26.04 -2.23
CA GLY A 340 -10.66 -27.31 -2.31
C GLY A 340 -11.63 -27.40 -3.48
N ALA A 341 -11.73 -26.36 -4.31
CA ALA A 341 -12.83 -26.13 -5.30
C ALA A 341 -12.60 -26.89 -6.62
N GLY A 342 -11.49 -27.60 -6.75
CA GLY A 342 -11.21 -28.31 -8.01
C GLY A 342 -9.94 -29.11 -7.95
N LYS A 343 -9.57 -29.68 -9.08
CA LYS A 343 -8.45 -30.64 -9.19
C LYS A 343 -7.63 -30.20 -10.40
N VAL A 344 -6.31 -30.21 -10.26
CA VAL A 344 -5.36 -29.75 -11.31
C VAL A 344 -4.77 -30.98 -12.01
N ILE A 345 -4.65 -30.90 -13.33
CA ILE A 345 -3.88 -31.88 -14.14
C ILE A 345 -2.67 -31.14 -14.73
N LYS A 346 -1.46 -31.58 -14.41
CA LYS A 346 -0.24 -31.02 -15.06
C LYS A 346 -0.22 -31.44 -16.53
N LYS A 347 0.06 -30.50 -17.43
CA LYS A 347 0.27 -30.78 -18.89
C LYS A 347 1.08 -32.09 -19.08
N GLU A 348 2.08 -32.35 -18.25
CA GLU A 348 2.99 -33.51 -18.40
C GLU A 348 2.23 -34.81 -18.12
N GLU A 349 1.14 -34.74 -17.34
CA GLU A 349 0.39 -35.93 -16.86
C GLU A 349 -0.88 -36.09 -17.67
N LEU A 350 -1.23 -35.08 -18.48
CA LEU A 350 -2.48 -35.04 -19.28
C LEU A 350 -2.51 -36.26 -20.21
N SER A 351 -3.60 -37.01 -20.15
CA SER A 351 -3.89 -38.21 -20.97
C SER A 351 -5.41 -38.36 -21.01
N GLU A 352 -5.98 -39.08 -21.99
CA GLU A 352 -7.44 -39.26 -22.10
C GLU A 352 -7.93 -39.83 -20.79
N SER A 353 -7.25 -40.88 -20.33
CA SER A 353 -7.62 -41.66 -19.13
C SER A 353 -7.68 -40.72 -17.93
N LEU A 354 -6.58 -40.00 -17.66
CA LEU A 354 -6.52 -39.12 -16.47
C LEU A 354 -7.53 -37.96 -16.63
N LEU A 355 -7.74 -37.45 -17.85
CA LEU A 355 -8.81 -36.45 -18.11
C LEU A 355 -10.19 -37.02 -17.75
N LYS A 356 -10.52 -38.22 -18.24
CA LYS A 356 -11.80 -38.93 -17.95
C LYS A 356 -11.95 -39.19 -16.44
N GLU A 357 -10.93 -39.76 -15.79
CA GLU A 357 -11.00 -40.08 -14.34
C GLU A 357 -11.26 -38.81 -13.53
N THR A 358 -10.53 -37.72 -13.83
CA THR A 358 -10.55 -36.44 -13.11
C THR A 358 -11.95 -35.82 -13.23
N ILE A 359 -12.52 -35.83 -14.43
CA ILE A 359 -13.91 -35.35 -14.65
C ILE A 359 -14.87 -36.26 -13.87
N GLN A 360 -14.68 -37.58 -13.87
CA GLN A 360 -15.66 -38.49 -13.22
C GLN A 360 -15.58 -38.25 -11.71
N GLU A 361 -14.37 -38.09 -11.17
CA GLU A 361 -14.17 -37.82 -9.74
C GLU A 361 -14.86 -36.52 -9.30
N VAL A 362 -14.87 -35.46 -10.13
CA VAL A 362 -15.24 -34.09 -9.67
C VAL A 362 -16.72 -33.81 -9.99
N MET A 363 -17.24 -34.38 -11.05
CA MET A 363 -18.67 -34.35 -11.44
C MET A 363 -19.48 -34.82 -10.22
N ASN A 364 -20.33 -33.94 -9.71
CA ASN A 364 -21.35 -34.28 -8.67
C ASN A 364 -20.68 -34.47 -7.30
N ASN A 365 -19.35 -34.40 -7.20
CA ASN A 365 -18.59 -34.68 -5.95
C ASN A 365 -18.99 -33.64 -4.90
N ARG A 366 -19.52 -34.13 -3.77
CA ARG A 366 -20.07 -33.30 -2.67
C ARG A 366 -18.98 -32.34 -2.15
N SER A 367 -17.74 -32.81 -2.02
CA SER A 367 -16.65 -32.04 -1.38
C SER A 367 -16.17 -30.87 -2.27
N TYR A 368 -16.08 -31.09 -3.59
CA TYR A 368 -15.67 -30.09 -4.59
C TYR A 368 -16.75 -29.03 -4.74
N LYS A 369 -18.03 -29.44 -4.69
CA LYS A 369 -19.22 -28.57 -4.79
C LYS A 369 -19.29 -27.62 -3.57
N GLU A 370 -19.14 -28.16 -2.34
CA GLU A 370 -19.09 -27.39 -1.07
C GLU A 370 -18.04 -26.28 -1.18
N LYS A 371 -16.82 -26.66 -1.52
CA LYS A 371 -15.61 -25.81 -1.54
C LYS A 371 -15.73 -24.77 -2.64
N ALA A 372 -16.29 -25.15 -3.78
CA ALA A 372 -16.65 -24.22 -4.87
C ALA A 372 -17.68 -23.21 -4.36
N LYS A 373 -18.68 -23.66 -3.60
CA LYS A 373 -19.72 -22.79 -2.99
C LYS A 373 -19.05 -21.79 -2.04
N GLU A 374 -18.15 -22.22 -1.15
CA GLU A 374 -17.48 -21.37 -0.15
C GLU A 374 -16.71 -20.24 -0.85
N ILE A 375 -15.78 -20.59 -1.75
CA ILE A 375 -14.88 -19.61 -2.43
C ILE A 375 -15.75 -18.76 -3.35
N GLY A 376 -16.72 -19.37 -4.01
CA GLY A 376 -17.73 -18.66 -4.82
C GLY A 376 -18.36 -17.53 -4.01
N GLN A 377 -18.63 -17.81 -2.73
CA GLN A 377 -19.37 -16.89 -1.82
C GLN A 377 -18.42 -15.81 -1.30
N SER A 378 -17.19 -16.16 -0.95
CA SER A 378 -16.09 -15.19 -0.68
C SER A 378 -15.99 -14.17 -1.82
N LEU A 379 -16.06 -14.65 -3.07
CA LEU A 379 -15.86 -13.83 -4.29
C LEU A 379 -17.07 -12.90 -4.51
N LYS A 380 -18.28 -13.40 -4.32
CA LYS A 380 -19.53 -12.57 -4.39
C LYS A 380 -19.55 -11.48 -3.29
N ALA A 381 -19.11 -11.82 -2.06
CA ALA A 381 -19.13 -10.95 -0.87
C ALA A 381 -18.29 -9.68 -1.10
N ALA A 382 -17.39 -9.70 -2.08
CA ALA A 382 -16.41 -8.62 -2.33
C ALA A 382 -17.12 -7.44 -2.99
N GLY A 383 -18.36 -7.63 -3.45
CA GLY A 383 -19.26 -6.54 -3.86
C GLY A 383 -19.31 -6.29 -5.36
N GLY A 384 -18.38 -6.83 -6.17
CA GLY A 384 -18.49 -6.86 -7.64
C GLY A 384 -18.38 -5.49 -8.31
N SER A 385 -18.88 -5.38 -9.53
CA SER A 385 -18.84 -4.16 -10.37
C SER A 385 -19.42 -2.96 -9.60
N LYS A 386 -20.38 -3.23 -8.71
CA LYS A 386 -21.05 -2.22 -7.85
C LYS A 386 -20.01 -1.65 -6.88
N LYS A 387 -19.32 -2.49 -6.13
CA LYS A 387 -18.26 -2.03 -5.20
C LYS A 387 -17.17 -1.23 -5.94
N ALA A 388 -16.74 -1.69 -7.11
CA ALA A 388 -15.76 -0.97 -7.96
C ALA A 388 -16.27 0.47 -8.18
N ALA A 389 -17.56 0.66 -8.43
CA ALA A 389 -18.14 2.00 -8.72
C ALA A 389 -18.24 2.84 -7.44
N ASP A 390 -18.78 2.32 -6.36
CA ASP A 390 -18.82 3.10 -5.08
C ASP A 390 -17.40 3.63 -4.84
N SER A 391 -16.41 2.75 -4.81
CA SER A 391 -15.01 3.07 -4.41
C SER A 391 -14.41 4.15 -5.31
N ILE A 392 -14.48 3.98 -6.62
CA ILE A 392 -14.02 4.99 -7.63
C ILE A 392 -14.75 6.33 -7.42
N LEU A 393 -16.09 6.36 -7.51
CA LEU A 393 -16.88 7.63 -7.42
C LEU A 393 -16.59 8.36 -6.11
N GLU A 394 -16.33 7.61 -5.04
CA GLU A 394 -16.06 8.21 -3.71
C GLU A 394 -14.66 8.83 -3.73
N ALA A 395 -13.68 8.21 -4.37
CA ALA A 395 -12.32 8.77 -4.42
C ALA A 395 -12.38 10.07 -5.22
N VAL A 396 -13.20 10.06 -6.29
CA VAL A 396 -13.33 11.18 -7.26
C VAL A 396 -13.98 12.34 -6.53
N LYS A 397 -15.03 12.07 -5.77
CA LYS A 397 -15.78 13.06 -4.97
C LYS A 397 -14.81 13.78 -4.04
N GLN A 398 -13.97 13.04 -3.30
CA GLN A 398 -13.05 13.60 -2.28
C GLN A 398 -12.01 14.49 -2.96
N LYS A 399 -11.44 14.04 -4.09
CA LYS A 399 -10.40 14.79 -4.85
C LYS A 399 -11.05 15.98 -5.56
N THR A 400 -12.29 15.88 -6.01
CA THR A 400 -13.04 17.03 -6.60
C THR A 400 -13.20 18.12 -5.53
N GLN A 401 -13.89 17.83 -4.42
CA GLN A 401 -14.11 18.74 -3.25
C GLN A 401 -12.76 19.28 -2.76
N SER A 402 -11.74 18.43 -2.73
CA SER A 402 -10.35 18.85 -2.43
C SER A 402 -9.90 19.92 -3.44
N ALA A 403 -9.89 19.57 -4.73
CA ALA A 403 -9.40 20.43 -5.83
C ALA A 403 -10.38 21.58 -6.07
N ASN A 404 -11.67 21.32 -5.86
CA ASN A 404 -12.72 22.36 -6.06
C ASN A 404 -12.65 23.35 -4.89
N ALA A 405 -11.56 23.29 -4.16
CA ALA A 405 -11.38 24.20 -3.02
C ALA A 405 -10.21 25.08 -3.41
N ALA A 406 -10.44 25.71 -4.56
CA ALA A 406 -9.70 26.79 -5.24
C ALA A 406 -10.45 28.10 -4.92
N LEU A 407 -11.17 28.14 -3.80
CA LEU A 407 -11.95 29.26 -3.26
C LEU A 407 -11.04 29.88 -2.21
N GLU A 408 -9.81 30.10 -2.60
CA GLU A 408 -8.80 30.87 -1.80
C GLU A 408 -8.02 31.79 -2.75
N HIS A 409 -7.90 31.41 -4.02
CA HIS A 409 -7.15 32.22 -5.03
C HIS A 409 -8.15 33.03 -5.86
N ALA B 2 -8.91 30.12 25.89
CA ALA B 2 -8.93 30.46 24.45
C ALA B 2 -9.17 29.18 23.62
N ASN B 3 -9.51 29.37 22.35
CA ASN B 3 -9.91 28.28 21.42
C ASN B 3 -8.69 27.92 20.60
N VAL B 4 -8.35 26.63 20.61
CA VAL B 4 -7.09 26.11 20.02
C VAL B 4 -7.41 25.01 18.98
N LEU B 5 -6.90 25.21 17.77
CA LEU B 5 -6.90 24.18 16.70
C LEU B 5 -5.54 23.48 16.72
N MET B 6 -5.56 22.17 16.97
CA MET B 6 -4.37 21.30 17.07
C MET B 6 -4.42 20.34 15.90
N ILE B 7 -3.36 20.24 15.11
CA ILE B 7 -3.30 19.32 13.94
C ILE B 7 -2.09 18.39 14.11
N GLY B 8 -2.37 17.14 14.45
CA GLY B 8 -1.36 16.10 14.69
C GLY B 8 -0.82 15.55 13.38
N PHE B 9 0.29 14.81 13.50
CA PHE B 9 0.91 14.02 12.41
C PHE B 9 0.65 12.57 12.73
N PRO B 10 0.45 11.74 11.69
CA PRO B 10 0.20 10.32 11.91
C PRO B 10 1.45 9.51 12.26
N GLY B 11 1.57 9.09 13.50
CA GLY B 11 2.70 8.31 14.03
C GLY B 11 2.63 8.37 15.53
N GLU B 12 2.78 7.23 16.20
CA GLU B 12 2.80 7.20 17.68
C GLU B 12 3.87 8.17 18.25
N GLY B 13 5.05 8.24 17.64
CA GLY B 13 6.14 9.15 18.04
C GLY B 13 5.76 10.60 17.91
N HIS B 14 4.72 10.93 17.14
CA HIS B 14 4.20 12.30 16.93
C HIS B 14 3.07 12.58 17.93
N ILE B 15 2.11 11.66 18.06
CA ILE B 15 0.93 11.85 18.96
C ILE B 15 1.38 11.86 20.43
N ASN B 16 2.29 10.96 20.84
CA ASN B 16 2.73 10.77 22.25
C ASN B 16 3.24 12.08 22.86
N PRO B 17 4.33 12.68 22.35
CA PRO B 17 4.83 13.92 22.92
C PRO B 17 3.81 15.07 22.99
N SER B 18 2.84 15.10 22.07
CA SER B 18 1.80 16.16 21.98
C SER B 18 0.78 16.00 23.12
N ILE B 19 0.52 14.78 23.60
CA ILE B 19 -0.49 14.54 24.67
C ILE B 19 -0.17 15.42 25.88
N GLY B 20 1.02 15.28 26.47
CA GLY B 20 1.46 16.09 27.62
C GLY B 20 1.26 17.59 27.42
N VAL B 21 1.52 18.10 26.21
CA VAL B 21 1.29 19.53 25.87
C VAL B 21 -0.21 19.81 25.81
N MET B 22 -1.00 18.98 25.16
CA MET B 22 -2.47 19.24 25.01
C MET B 22 -3.07 19.31 26.41
N LYS B 23 -2.75 18.31 27.24
CA LYS B 23 -3.24 18.11 28.63
C LYS B 23 -2.90 19.35 29.47
N GLU B 24 -1.67 19.81 29.34
CA GLU B 24 -1.15 20.93 30.14
C GLU B 24 -1.89 22.22 29.75
N LEU B 25 -2.31 22.35 28.49
CA LEU B 25 -2.98 23.57 27.98
C LEU B 25 -4.45 23.55 28.39
N LYS B 26 -5.05 22.36 28.41
CA LYS B 26 -6.47 22.16 28.79
C LYS B 26 -6.61 22.56 30.24
N SER B 27 -5.88 21.89 31.13
CA SER B 27 -5.78 22.15 32.59
C SER B 27 -5.69 23.66 32.88
N ARG B 28 -4.97 24.43 32.05
CA ARG B 28 -4.79 25.90 32.21
C ARG B 28 -5.87 26.68 31.44
N GLY B 29 -6.87 26.00 30.88
CA GLY B 29 -8.17 26.60 30.52
C GLY B 29 -8.43 26.68 29.02
N GLU B 30 -7.57 26.09 28.19
CA GLU B 30 -7.70 26.20 26.72
C GLU B 30 -8.80 25.26 26.25
N ASN B 31 -9.48 25.62 25.18
CA ASN B 31 -10.51 24.79 24.51
C ASN B 31 -9.86 24.21 23.24
N ILE B 32 -9.63 22.90 23.17
CA ILE B 32 -8.79 22.26 22.12
C ILE B 32 -9.60 21.33 21.24
N THR B 33 -9.41 21.50 19.93
CA THR B 33 -9.90 20.65 18.82
C THR B 33 -8.66 20.04 18.14
N TYR B 34 -8.44 18.75 18.37
CA TYR B 34 -7.27 17.96 17.91
C TYR B 34 -7.72 17.16 16.69
N TYR B 35 -7.16 17.50 15.52
CA TYR B 35 -7.28 16.76 14.23
C TYR B 35 -6.17 15.73 14.16
N ALA B 36 -6.52 14.48 13.92
CA ALA B 36 -5.57 13.35 13.72
C ALA B 36 -6.31 12.25 12.96
N VAL B 37 -5.58 11.17 12.64
CA VAL B 37 -6.13 9.98 11.96
C VAL B 37 -6.86 9.13 13.01
N LYS B 38 -7.86 8.37 12.54
CA LYS B 38 -8.76 7.47 13.32
C LYS B 38 -7.94 6.69 14.35
N GLU B 39 -6.90 5.95 13.93
CA GLU B 39 -6.11 5.02 14.81
C GLU B 39 -5.77 5.67 16.18
N TYR B 40 -5.70 7.01 16.29
CA TYR B 40 -5.25 7.74 17.52
C TYR B 40 -6.42 8.37 18.29
N LYS B 41 -7.65 8.24 17.79
CA LYS B 41 -8.87 8.79 18.44
C LYS B 41 -8.78 8.61 19.96
N GLU B 42 -8.59 7.36 20.43
CA GLU B 42 -8.70 6.95 21.86
C GLU B 42 -7.62 7.66 22.71
N LYS B 43 -6.39 7.75 22.22
CA LYS B 43 -5.30 8.48 22.93
C LYS B 43 -5.73 9.93 23.23
N ILE B 44 -6.61 10.52 22.41
CA ILE B 44 -6.96 11.97 22.45
C ILE B 44 -8.21 12.17 23.31
N THR B 45 -9.25 11.35 23.13
CA THR B 45 -10.53 11.36 23.90
C THR B 45 -10.27 11.12 25.40
N ALA B 46 -9.29 10.27 25.73
CA ALA B 46 -8.78 10.01 27.10
C ALA B 46 -8.56 11.30 27.90
N LEU B 47 -8.27 12.42 27.23
CA LEU B 47 -8.03 13.75 27.85
C LEU B 47 -9.27 14.64 27.71
N ASP B 48 -10.40 14.12 27.22
CA ASP B 48 -11.68 14.84 27.08
C ASP B 48 -11.44 16.10 26.24
N ILE B 49 -10.60 15.95 25.20
CA ILE B 49 -10.37 16.89 24.06
C ILE B 49 -11.26 16.43 22.90
N GLU B 50 -11.75 17.39 22.11
CA GLU B 50 -12.59 17.13 20.90
C GLU B 50 -11.62 16.58 19.83
N PHE B 51 -11.91 15.38 19.35
CA PHE B 51 -11.17 14.73 18.24
C PHE B 51 -11.96 14.91 16.94
N ARG B 52 -11.26 15.15 15.84
CA ARG B 52 -11.83 15.19 14.47
C ARG B 52 -10.82 14.44 13.61
N GLU B 53 -11.30 13.86 12.51
CA GLU B 53 -10.53 12.94 11.64
C GLU B 53 -10.06 13.72 10.43
N TYR B 54 -8.87 13.41 9.94
CA TYR B 54 -8.43 13.63 8.55
C TYR B 54 -7.95 12.27 8.04
N HIS B 55 -7.83 12.13 6.73
CA HIS B 55 -7.57 10.82 6.09
C HIS B 55 -6.12 10.41 6.35
N ASP B 56 -5.93 9.15 6.80
CA ASP B 56 -4.60 8.52 7.07
C ASP B 56 -3.88 8.23 5.75
N PHE B 57 -2.88 9.05 5.43
CA PHE B 57 -2.15 9.07 4.14
C PHE B 57 -0.98 8.07 4.13
N ARG B 58 -0.75 7.28 5.16
CA ARG B 58 0.45 6.38 5.20
C ARG B 58 0.04 4.94 4.87
N ALA B 66 8.27 -2.15 7.81
CA ALA B 66 9.51 -1.71 7.15
C ALA B 66 10.71 -2.38 7.82
N THR B 67 11.54 -3.08 7.05
CA THR B 67 12.80 -3.71 7.53
C THR B 67 13.89 -2.65 7.79
N GLY B 68 13.73 -1.45 7.22
CA GLY B 68 14.82 -0.46 7.09
C GLY B 68 15.78 -0.85 5.99
N ASP B 69 15.41 -1.86 5.18
CA ASP B 69 16.20 -2.43 4.04
C ASP B 69 15.75 -1.75 2.74
N GLU B 70 14.45 -1.45 2.62
CA GLU B 70 13.84 -0.82 1.41
C GLU B 70 14.47 0.55 1.23
N GLU B 71 15.28 0.74 0.19
CA GLU B 71 15.82 2.07 -0.20
C GLU B 71 14.66 2.82 -0.86
N ARG B 72 14.05 3.75 -0.13
CA ARG B 72 12.95 4.60 -0.65
C ARG B 72 13.59 5.71 -1.50
N ASP B 73 12.93 6.09 -2.60
CA ASP B 73 13.16 7.33 -3.36
C ASP B 73 12.65 8.49 -2.49
N PHE B 74 13.55 9.41 -2.10
CA PHE B 74 13.23 10.58 -1.23
C PHE B 74 12.17 11.45 -1.92
N THR B 75 12.30 11.67 -3.24
CA THR B 75 11.41 12.55 -4.04
C THR B 75 9.99 11.96 -4.11
N GLU B 76 9.87 10.63 -4.28
CA GLU B 76 8.55 9.93 -4.26
C GLU B 76 7.93 10.07 -2.86
N MET B 77 8.74 10.01 -1.81
CA MET B 77 8.29 10.20 -0.41
C MET B 77 7.72 11.62 -0.31
N LEU B 78 8.50 12.65 -0.70
CA LEU B 78 8.14 14.10 -0.66
C LEU B 78 6.85 14.37 -1.44
N CYS B 79 6.65 13.70 -2.57
CA CYS B 79 5.42 13.86 -3.40
C CYS B 79 4.21 13.39 -2.60
N ALA B 80 4.36 12.29 -1.87
CA ALA B 80 3.28 11.71 -1.04
C ALA B 80 3.00 12.65 0.16
N PHE B 81 4.02 13.28 0.74
CA PHE B 81 3.88 14.34 1.77
C PHE B 81 3.08 15.54 1.22
N LEU B 82 3.47 16.06 0.05
CA LEU B 82 2.89 17.28 -0.56
C LEU B 82 1.43 17.01 -0.98
N LYS B 83 1.15 15.86 -1.59
CA LYS B 83 -0.23 15.44 -1.93
C LYS B 83 -1.06 15.49 -0.64
N ALA B 84 -0.60 14.76 0.36
CA ALA B 84 -1.18 14.68 1.72
C ALA B 84 -1.39 16.09 2.30
N CYS B 85 -0.40 16.98 2.17
CA CYS B 85 -0.51 18.35 2.73
C CYS B 85 -1.75 19.01 2.14
N LYS B 86 -1.80 19.05 0.80
CA LYS B 86 -2.88 19.70 0.02
C LYS B 86 -4.23 19.20 0.55
N ASP B 87 -4.36 17.88 0.79
CA ASP B 87 -5.65 17.19 1.02
C ASP B 87 -6.17 17.62 2.39
N ILE B 88 -5.33 17.43 3.41
CA ILE B 88 -5.56 17.83 4.83
C ILE B 88 -5.88 19.33 4.91
N ALA B 89 -5.06 20.20 4.31
CA ALA B 89 -5.22 21.67 4.48
C ALA B 89 -6.60 22.06 3.97
N THR B 90 -7.06 21.35 2.95
CA THR B 90 -8.30 21.61 2.18
C THR B 90 -9.49 21.02 2.94
N HIS B 91 -9.39 19.77 3.38
CA HIS B 91 -10.40 19.10 4.24
C HIS B 91 -10.59 19.92 5.51
N ILE B 92 -9.51 20.15 6.27
CA ILE B 92 -9.55 20.79 7.61
C ILE B 92 -10.14 22.19 7.42
N TYR B 93 -9.69 22.93 6.40
CA TYR B 93 -10.09 24.35 6.22
C TYR B 93 -11.58 24.44 5.93
N GLU B 94 -12.16 23.46 5.22
CA GLU B 94 -13.62 23.48 4.94
C GLU B 94 -14.40 23.35 6.26
N GLU B 95 -13.93 22.55 7.22
CA GLU B 95 -14.55 22.45 8.58
C GLU B 95 -14.27 23.70 9.43
N VAL B 96 -13.09 24.32 9.40
CA VAL B 96 -12.65 25.28 10.48
C VAL B 96 -12.74 26.73 10.03
N LYS B 97 -12.96 27.00 8.73
CA LYS B 97 -12.92 28.36 8.09
C LYS B 97 -13.81 29.34 8.85
N HIS B 98 -14.92 28.87 9.43
CA HIS B 98 -15.98 29.71 10.04
C HIS B 98 -15.95 29.62 11.57
N GLU B 99 -15.01 28.85 12.14
CA GLU B 99 -14.90 28.62 13.62
C GLU B 99 -13.97 29.66 14.26
N SER B 100 -14.08 29.92 15.57
CA SER B 100 -13.35 31.02 16.26
C SER B 100 -12.19 30.44 17.09
N TYR B 101 -11.14 30.02 16.40
CA TYR B 101 -9.82 29.68 16.96
C TYR B 101 -9.00 30.96 17.16
N ASP B 102 -8.40 31.05 18.35
CA ASP B 102 -7.46 32.12 18.74
C ASP B 102 -6.06 31.77 18.23
N TYR B 103 -5.65 30.50 18.23
CA TYR B 103 -4.33 30.08 17.67
C TYR B 103 -4.30 28.61 17.22
N VAL B 104 -3.34 28.29 16.37
CA VAL B 104 -3.10 26.93 15.82
C VAL B 104 -1.81 26.36 16.45
N ILE B 105 -1.85 25.11 16.90
CA ILE B 105 -0.65 24.28 17.21
C ILE B 105 -0.70 23.17 16.17
N TYR B 106 0.43 22.63 15.74
CA TYR B 106 0.45 21.49 14.81
C TYR B 106 1.78 20.81 14.94
N ASP B 107 1.86 19.53 14.57
CA ASP B 107 3.15 18.82 14.46
C ASP B 107 4.02 19.48 13.35
N HIS B 108 5.28 19.78 13.67
CA HIS B 108 6.33 20.49 12.87
C HIS B 108 6.61 19.78 11.54
N HIS B 109 6.38 18.47 11.46
CA HIS B 109 6.63 17.65 10.24
C HIS B 109 5.39 17.63 9.34
N LEU B 110 4.30 18.28 9.76
CA LEU B 110 3.04 18.36 8.98
C LEU B 110 2.86 19.78 8.46
N LEU B 111 3.25 20.01 7.21
CA LEU B 111 3.24 21.32 6.51
C LEU B 111 1.82 21.87 6.44
N ALA B 112 0.82 21.00 6.34
CA ALA B 112 -0.62 21.35 6.34
C ALA B 112 -0.93 22.26 7.53
N GLY B 113 -0.41 21.93 8.71
CA GLY B 113 -0.61 22.73 9.92
C GLY B 113 -0.25 24.18 9.71
N LYS B 114 0.87 24.47 9.04
CA LYS B 114 1.31 25.87 8.84
C LYS B 114 0.37 26.49 7.81
N VAL B 115 -0.01 25.72 6.80
CA VAL B 115 -1.02 26.17 5.79
C VAL B 115 -2.32 26.60 6.49
N ILE B 116 -2.91 25.78 7.38
CA ILE B 116 -4.20 26.14 8.05
C ILE B 116 -3.99 27.48 8.74
N ALA B 117 -3.01 27.57 9.64
CA ALA B 117 -2.55 28.80 10.35
C ALA B 117 -2.54 30.02 9.43
N ASN B 118 -1.96 29.90 8.23
CA ASN B 118 -1.83 31.01 7.25
C ASN B 118 -3.20 31.31 6.61
N MET B 119 -3.98 30.27 6.28
CA MET B 119 -5.32 30.45 5.70
C MET B 119 -6.24 31.15 6.72
N LEU B 120 -6.20 30.82 8.01
CA LEU B 120 -6.98 31.53 9.07
C LEU B 120 -6.34 32.86 9.49
N LYS B 121 -5.10 33.12 9.06
CA LYS B 121 -4.23 34.26 9.49
C LYS B 121 -4.16 34.29 11.02
N LEU B 122 -3.67 33.21 11.63
CA LEU B 122 -3.60 33.02 13.10
C LEU B 122 -2.16 32.79 13.59
N PRO B 123 -1.82 33.22 14.83
CA PRO B 123 -0.60 32.76 15.49
C PRO B 123 -0.62 31.23 15.63
N ARG B 124 0.55 30.61 15.51
CA ARG B 124 0.73 29.14 15.39
C ARG B 124 2.03 28.72 16.08
N PHE B 125 2.09 27.45 16.49
CA PHE B 125 3.24 26.86 17.20
C PHE B 125 3.39 25.43 16.68
N SER B 126 4.59 25.09 16.17
CA SER B 126 4.93 23.71 15.74
C SER B 126 5.49 22.92 16.92
N LEU B 127 5.16 21.62 16.99
CA LEU B 127 5.69 20.65 17.98
C LEU B 127 6.69 19.71 17.30
N CYS B 128 7.98 19.93 17.48
CA CYS B 128 9.08 19.28 16.73
C CYS B 128 9.58 18.07 17.52
N THR B 129 9.23 16.87 17.06
CA THR B 129 9.46 15.59 17.79
C THR B 129 10.81 15.01 17.41
N THR B 130 11.47 15.59 16.42
CA THR B 130 12.90 15.29 16.09
C THR B 130 13.78 16.36 16.73
N PHE B 131 15.08 16.22 16.56
CA PHE B 131 16.05 17.31 16.78
C PHE B 131 15.56 18.51 15.98
N ALA B 132 15.79 19.72 16.50
CA ALA B 132 15.76 20.94 15.68
C ALA B 132 16.71 20.65 14.49
N MET B 133 16.28 21.01 13.27
CA MET B 133 17.08 20.85 12.04
C MET B 133 16.97 22.15 11.22
N ASN B 134 18.11 22.73 10.77
CA ASN B 134 18.13 23.86 9.79
C ASN B 134 18.93 23.42 8.56
N GLU B 135 19.38 24.39 7.75
CA GLU B 135 20.04 24.18 6.43
C GLU B 135 21.08 23.08 6.53
N GLU B 136 22.04 23.25 7.45
CA GLU B 136 23.14 22.29 7.76
C GLU B 136 22.72 20.83 7.51
N PHE B 137 21.76 20.35 8.30
CA PHE B 137 21.33 18.91 8.34
C PHE B 137 21.02 18.41 6.93
N GLY B 148 20.06 18.07 -5.97
CA GLY B 148 21.20 17.22 -6.37
C GLY B 148 20.75 15.97 -7.11
N SER B 149 20.54 14.87 -6.37
CA SER B 149 20.07 13.54 -6.88
C SER B 149 18.53 13.49 -7.00
N LEU B 150 17.81 14.18 -6.11
CA LEU B 150 16.32 14.31 -6.13
C LEU B 150 15.86 14.70 -7.53
N GLU B 151 16.60 15.61 -8.17
CA GLU B 151 16.40 16.18 -9.54
C GLU B 151 16.45 15.08 -10.62
N ASP B 152 17.08 13.93 -10.33
CA ASP B 152 17.26 12.76 -11.24
C ASP B 152 16.21 11.68 -10.95
N SER B 153 15.45 11.81 -9.86
CA SER B 153 14.31 10.93 -9.54
C SER B 153 13.25 11.05 -10.64
N PRO B 154 12.59 9.95 -11.07
CA PRO B 154 11.47 10.04 -12.00
C PRO B 154 10.21 10.74 -11.45
N HIS B 155 10.24 11.11 -10.17
CA HIS B 155 9.16 11.86 -9.46
C HIS B 155 9.49 13.34 -9.39
N TYR B 156 10.67 13.78 -9.86
CA TYR B 156 11.10 15.18 -9.69
C TYR B 156 10.06 16.16 -10.27
N GLU B 157 9.53 15.85 -11.44
CA GLU B 157 8.62 16.75 -12.20
C GLU B 157 7.33 16.94 -11.39
N GLU B 158 6.82 15.86 -10.80
CA GLU B 158 5.66 15.82 -9.88
C GLU B 158 5.94 16.68 -8.63
N TYR B 159 7.09 16.43 -7.96
CA TYR B 159 7.58 17.18 -6.77
C TYR B 159 7.56 18.68 -7.05
N GLN B 160 8.16 19.12 -8.15
CA GLN B 160 8.24 20.57 -8.55
C GLN B 160 6.85 21.21 -8.61
N GLN B 161 5.95 20.57 -9.35
CA GLN B 161 4.62 21.13 -9.65
C GLN B 161 3.83 21.20 -8.34
N LEU B 162 3.86 20.13 -7.54
CA LEU B 162 3.19 20.10 -6.21
C LEU B 162 3.73 21.24 -5.34
N ALA B 163 5.06 21.40 -5.27
CA ALA B 163 5.75 22.45 -4.48
C ALA B 163 5.27 23.84 -4.93
N GLU B 164 5.26 24.08 -6.25
CA GLU B 164 4.94 25.40 -6.86
C GLU B 164 3.47 25.73 -6.57
N THR B 165 2.57 24.80 -6.83
CA THR B 165 1.13 24.95 -6.47
C THR B 165 1.02 25.35 -4.98
N LEU B 166 1.65 24.60 -4.08
CA LEU B 166 1.53 24.85 -2.62
C LEU B 166 2.19 26.19 -2.27
N ASN B 167 3.24 26.60 -2.98
CA ASN B 167 3.98 27.86 -2.71
C ASN B 167 3.14 29.09 -3.08
N ALA B 168 2.37 28.98 -4.17
CA ALA B 168 1.66 30.07 -4.86
C ALA B 168 0.26 30.27 -4.24
N ASP B 169 -0.55 29.21 -4.24
CA ASP B 169 -1.99 29.26 -3.87
C ASP B 169 -2.11 29.15 -2.34
N PHE B 170 -1.19 28.42 -1.68
CA PHE B 170 -1.07 28.35 -0.19
C PHE B 170 0.23 29.04 0.20
N GLN B 171 0.46 29.25 1.50
CA GLN B 171 1.59 30.07 1.98
C GLN B 171 2.76 29.16 2.41
N ALA B 172 2.76 27.91 1.93
CA ALA B 172 3.79 26.88 2.22
C ALA B 172 5.21 27.42 1.97
N GLU B 173 5.37 28.33 1.00
CA GLU B 173 6.67 28.92 0.54
C GLU B 173 7.83 27.96 0.87
N ILE B 174 7.76 26.75 0.31
CA ILE B 174 8.85 25.73 0.22
C ILE B 174 9.94 26.28 -0.69
N LYS B 175 11.15 26.46 -0.16
CA LYS B 175 12.32 26.96 -0.94
C LYS B 175 13.23 25.76 -1.27
N LYS B 176 13.46 24.85 -0.32
CA LYS B 176 14.26 23.62 -0.54
C LYS B 176 13.42 22.40 -0.16
N PRO B 177 13.73 21.20 -0.72
CA PRO B 177 13.07 19.97 -0.31
C PRO B 177 12.84 19.84 1.21
N PHE B 178 13.78 20.32 2.05
CA PHE B 178 13.75 20.19 3.53
C PHE B 178 12.58 20.96 4.15
N ASP B 179 12.08 22.04 3.52
CA ASP B 179 10.93 22.84 4.05
C ASP B 179 9.62 22.04 3.96
N VAL B 180 9.62 20.91 3.25
CA VAL B 180 8.40 20.06 3.09
C VAL B 180 8.04 19.51 4.46
N PHE B 181 9.03 19.09 5.24
CA PHE B 181 8.82 18.41 6.54
C PHE B 181 9.49 19.20 7.68
N LEU B 182 9.70 20.52 7.53
CA LEU B 182 10.17 21.38 8.65
C LEU B 182 9.47 22.75 8.58
N ALA B 183 8.37 22.90 9.31
CA ALA B 183 7.38 23.99 9.14
C ALA B 183 7.25 24.76 10.43
N ASP B 184 8.29 25.54 10.75
CA ASP B 184 8.47 26.25 12.05
C ASP B 184 7.28 27.18 12.25
N GLY B 185 6.66 27.14 13.44
CA GLY B 185 5.62 28.10 13.83
C GLY B 185 6.25 29.43 14.19
N ASP B 186 5.51 30.26 14.93
CA ASP B 186 6.01 31.49 15.58
C ASP B 186 7.03 31.08 16.64
N LEU B 187 6.77 29.96 17.32
CA LEU B 187 7.74 29.15 18.11
C LEU B 187 7.76 27.73 17.54
N THR B 188 8.92 27.12 17.58
CA THR B 188 9.15 25.68 17.35
C THR B 188 9.50 25.09 18.71
N ILE B 189 8.55 24.35 19.32
CA ILE B 189 8.72 23.55 20.56
C ILE B 189 9.49 22.29 20.16
N VAL B 190 10.71 22.17 20.64
CA VAL B 190 11.57 20.97 20.41
C VAL B 190 11.59 20.15 21.70
N PHE B 191 11.27 18.87 21.60
CA PHE B 191 11.22 17.99 22.80
C PHE B 191 12.59 17.33 23.00
N THR B 192 13.63 18.15 23.06
CA THR B 192 14.97 17.82 23.62
C THR B 192 15.51 19.07 24.31
N SER B 193 16.66 18.94 24.98
CA SER B 193 17.36 20.05 25.66
C SER B 193 18.47 20.56 24.74
N ARG B 194 18.95 21.77 24.93
CA ARG B 194 20.11 22.33 24.16
C ARG B 194 21.37 21.50 24.44
N GLY B 195 21.39 20.78 25.55
CA GLY B 195 22.46 19.85 25.91
C GLY B 195 22.52 18.64 24.97
N PHE B 196 21.36 18.11 24.53
CA PHE B 196 21.31 16.93 23.63
C PHE B 196 21.29 17.33 22.14
N GLN B 197 20.77 18.49 21.77
CA GLN B 197 20.62 18.93 20.35
C GLN B 197 21.98 19.13 19.71
N PRO B 198 22.27 18.55 18.52
CA PRO B 198 23.38 19.02 17.69
C PRO B 198 23.25 20.49 17.27
N LEU B 199 24.40 21.18 17.28
CA LEU B 199 24.57 22.58 16.83
C LEU B 199 23.58 23.51 17.55
N ALA B 200 23.28 23.22 18.81
CA ALA B 200 22.24 23.91 19.60
C ALA B 200 22.44 25.43 19.52
N GLU B 201 23.68 25.89 19.44
CA GLU B 201 24.08 27.32 19.47
C GLU B 201 23.60 28.03 18.21
N GLN B 202 23.29 27.31 17.14
CA GLN B 202 22.76 27.84 15.86
C GLN B 202 21.29 28.25 15.97
N PHE B 203 20.54 27.73 16.94
CA PHE B 203 19.07 27.89 17.04
C PHE B 203 18.72 29.02 17.99
N GLY B 204 18.03 30.05 17.48
CA GLY B 204 17.61 31.24 18.24
C GLY B 204 16.51 30.93 19.24
N GLU B 205 16.00 31.94 19.94
CA GLU B 205 15.04 31.75 21.06
C GLU B 205 13.68 31.30 20.52
N ARG B 206 13.42 31.40 19.21
CA ARG B 206 12.11 30.93 18.66
C ARG B 206 12.02 29.40 18.85
N TYR B 207 13.18 28.72 18.85
CA TYR B 207 13.34 27.29 19.18
C TYR B 207 13.32 27.16 20.71
N VAL B 208 12.26 26.55 21.24
CA VAL B 208 12.04 26.35 22.70
C VAL B 208 12.26 24.88 23.01
N PHE B 209 13.44 24.59 23.54
CA PHE B 209 13.99 23.26 23.88
C PHE B 209 13.49 22.86 25.27
N VAL B 210 12.41 22.06 25.31
CA VAL B 210 11.66 21.74 26.55
C VAL B 210 11.96 20.30 26.99
N GLY B 211 12.83 19.58 26.27
CA GLY B 211 13.15 18.17 26.57
C GLY B 211 11.91 17.31 26.40
N PRO B 212 11.96 16.01 26.78
CA PRO B 212 10.87 15.10 26.48
C PRO B 212 9.55 15.58 27.10
N SER B 213 8.46 15.18 26.47
CA SER B 213 7.08 15.49 26.93
C SER B 213 6.45 14.16 27.39
N ILE B 214 6.48 13.92 28.71
CA ILE B 214 6.13 12.63 29.35
C ILE B 214 4.90 12.78 30.24
N THR B 215 3.83 12.05 29.93
CA THR B 215 2.67 11.81 30.84
C THR B 215 2.31 10.34 30.77
N GLU B 216 1.66 9.84 31.82
CA GLU B 216 1.01 8.51 31.82
C GLU B 216 0.12 8.43 30.59
N ARG B 217 0.08 7.25 29.95
CA ARG B 217 -0.57 7.01 28.64
C ARG B 217 -1.85 6.19 28.83
N HIS B 218 -2.73 6.22 27.82
CA HIS B 218 -4.06 5.55 27.82
C HIS B 218 -3.93 4.04 28.13
N GLY B 219 -3.33 3.27 27.22
CA GLY B 219 -3.33 1.79 27.25
C GLY B 219 -2.23 1.23 28.14
N ASN B 220 -2.39 1.34 29.46
CA ASN B 220 -1.53 0.67 30.48
C ASN B 220 -1.61 -0.85 30.25
N ASN B 221 -2.81 -1.33 29.87
CA ASN B 221 -3.10 -2.73 29.49
C ASN B 221 -2.86 -3.65 30.71
N ASP B 222 -2.19 -4.78 30.49
CA ASP B 222 -2.13 -5.94 31.41
C ASP B 222 -0.68 -6.41 31.51
N PHE B 223 0.28 -5.48 31.42
CA PHE B 223 1.72 -5.83 31.51
C PHE B 223 1.96 -6.46 32.88
N PRO B 224 2.50 -7.70 32.94
CA PRO B 224 2.72 -8.35 34.23
C PRO B 224 3.87 -7.66 34.95
N PHE B 225 3.63 -6.52 35.59
CA PHE B 225 4.69 -5.81 36.35
C PHE B 225 5.22 -6.71 37.46
N ASP B 226 4.36 -7.56 38.02
CA ASP B 226 4.75 -8.46 39.14
C ASP B 226 5.95 -9.32 38.69
N GLN B 227 6.00 -9.70 37.42
CA GLN B 227 7.09 -10.57 36.87
C GLN B 227 8.41 -9.80 36.69
N ILE B 228 8.44 -8.48 36.86
CA ILE B 228 9.69 -7.66 36.78
C ILE B 228 9.91 -6.91 38.09
N ASP B 229 8.92 -6.95 39.00
CA ASP B 229 8.79 -6.03 40.16
C ASP B 229 10.14 -5.85 40.85
N ASN B 230 10.90 -6.95 41.07
CA ASN B 230 12.19 -6.93 41.83
C ASN B 230 13.35 -7.48 40.98
N GLU B 231 13.23 -7.46 39.64
CA GLU B 231 14.28 -7.98 38.71
C GLU B 231 15.01 -6.81 38.06
N ASN B 232 16.30 -6.96 37.83
CA ASN B 232 17.06 -6.25 36.77
C ASN B 232 16.35 -6.41 35.42
N VAL B 233 16.14 -5.31 34.70
CA VAL B 233 15.34 -5.29 33.44
C VAL B 233 16.19 -4.75 32.28
N LEU B 234 16.30 -5.58 31.24
CA LEU B 234 16.89 -5.26 29.92
C LEU B 234 15.71 -5.07 28.96
N PHE B 235 15.60 -3.90 28.33
CA PHE B 235 14.49 -3.52 27.42
C PHE B 235 15.00 -3.44 25.98
N ILE B 236 14.26 -4.04 25.06
CA ILE B 236 14.56 -4.05 23.61
C ILE B 236 13.28 -3.71 22.84
N SER B 237 13.37 -2.74 21.94
CA SER B 237 12.27 -2.35 21.02
C SER B 237 12.85 -1.67 19.77
N MET B 238 12.32 -1.99 18.60
CA MET B 238 12.79 -1.38 17.34
C MET B 238 11.76 -0.34 16.89
N GLY B 239 10.93 0.15 17.83
CA GLY B 239 9.89 1.17 17.61
C GLY B 239 8.64 0.60 16.94
N THR B 240 7.82 1.49 16.38
CA THR B 240 6.47 1.20 15.82
C THR B 240 6.49 1.23 14.30
N THR B 241 7.62 1.62 13.69
CA THR B 241 7.82 1.64 12.21
C THR B 241 8.78 0.51 11.81
N PHE B 242 10.09 0.71 11.96
CA PHE B 242 11.14 -0.20 11.42
C PHE B 242 11.23 -1.48 12.26
N ASN B 243 10.15 -2.29 12.28
CA ASN B 243 10.04 -3.45 13.20
C ASN B 243 9.83 -4.77 12.44
N ASN B 244 9.99 -4.85 11.11
CA ASN B 244 10.14 -6.19 10.48
C ASN B 244 11.61 -6.60 10.65
N GLN B 245 11.93 -7.03 11.87
CA GLN B 245 13.30 -7.30 12.36
C GLN B 245 13.34 -8.75 12.89
N LYS B 246 12.82 -9.70 12.13
CA LYS B 246 12.73 -11.13 12.54
C LYS B 246 14.11 -11.68 12.89
N GLN B 247 15.13 -11.28 12.13
CA GLN B 247 16.53 -11.79 12.26
C GLN B 247 17.12 -11.20 13.54
N PHE B 248 16.88 -9.91 13.77
CA PHE B 248 17.38 -9.19 14.96
C PHE B 248 16.74 -9.73 16.25
N PHE B 249 15.48 -10.16 16.22
CA PHE B 249 14.81 -10.65 17.44
C PHE B 249 15.39 -12.02 17.80
N ASN B 250 15.64 -12.87 16.80
CA ASN B 250 16.23 -14.20 17.05
C ASN B 250 17.64 -14.04 17.66
N GLN B 251 18.40 -13.02 17.26
CA GLN B 251 19.74 -12.75 17.84
C GLN B 251 19.58 -12.35 19.31
N CYS B 252 18.61 -11.48 19.60
CA CYS B 252 18.35 -10.98 20.97
C CYS B 252 18.00 -12.15 21.88
N LEU B 253 17.18 -13.07 21.38
CA LEU B 253 16.74 -14.27 22.14
C LEU B 253 18.00 -15.03 22.53
N GLU B 254 18.88 -15.34 21.57
CA GLU B 254 20.14 -16.10 21.78
C GLU B 254 21.12 -15.39 22.70
N VAL B 255 21.30 -14.08 22.49
CA VAL B 255 22.32 -13.25 23.20
C VAL B 255 21.86 -13.00 24.64
N CYS B 256 20.56 -12.82 24.91
CA CYS B 256 20.10 -12.31 26.24
C CYS B 256 19.49 -13.43 27.09
N LYS B 257 19.41 -14.65 26.56
CA LYS B 257 18.70 -15.78 27.22
C LYS B 257 19.26 -16.00 28.64
N ASP B 258 20.54 -15.72 28.85
CA ASP B 258 21.25 -16.02 30.12
C ASP B 258 21.41 -14.75 30.99
N PHE B 259 20.84 -13.60 30.58
CA PHE B 259 20.75 -12.39 31.43
C PHE B 259 20.10 -12.73 32.80
N ASP B 260 20.83 -12.51 33.90
CA ASP B 260 20.36 -12.68 35.30
C ASP B 260 19.32 -11.60 35.64
N GLY B 261 18.15 -11.70 35.02
CA GLY B 261 16.97 -10.86 35.25
C GLY B 261 15.96 -11.08 34.12
N LYS B 262 15.11 -10.10 33.83
CA LYS B 262 14.06 -10.17 32.81
C LYS B 262 14.41 -9.28 31.59
N VAL B 263 14.15 -9.81 30.39
CA VAL B 263 14.26 -9.10 29.09
C VAL B 263 12.82 -8.84 28.60
N VAL B 264 12.45 -7.57 28.48
CA VAL B 264 11.16 -7.11 27.87
C VAL B 264 11.42 -6.79 26.39
N LEU B 265 10.94 -7.65 25.49
CA LEU B 265 11.07 -7.48 24.03
C LEU B 265 9.72 -7.05 23.51
N SER B 266 9.63 -5.88 22.86
CA SER B 266 8.45 -5.35 22.16
C SER B 266 8.62 -5.58 20.66
N ILE B 267 7.94 -6.55 20.06
CA ILE B 267 8.23 -6.97 18.65
C ILE B 267 7.38 -6.14 17.66
N GLY B 268 6.43 -5.33 18.13
CA GLY B 268 5.52 -4.58 17.25
C GLY B 268 4.38 -5.48 16.78
N LYS B 269 3.62 -5.03 15.77
CA LYS B 269 2.23 -5.52 15.48
C LYS B 269 2.13 -6.35 14.18
N HIS B 270 3.21 -6.54 13.42
CA HIS B 270 3.20 -7.28 12.14
C HIS B 270 3.76 -8.69 12.39
N ILE B 271 5.02 -8.81 12.78
CA ILE B 271 5.60 -10.13 13.19
C ILE B 271 4.87 -10.64 14.43
N LYS B 272 4.54 -11.93 14.45
CA LYS B 272 3.91 -12.61 15.61
C LYS B 272 4.99 -13.47 16.28
N THR B 273 4.88 -13.64 17.60
CA THR B 273 5.91 -14.24 18.49
C THR B 273 6.28 -15.64 17.98
N SER B 274 5.33 -16.41 17.45
CA SER B 274 5.56 -17.83 17.08
C SER B 274 6.35 -17.92 15.77
N GLU B 275 6.44 -16.84 15.00
CA GLU B 275 7.29 -16.77 13.79
C GLU B 275 8.77 -16.73 14.21
N LEU B 276 9.03 -16.38 15.46
CA LEU B 276 10.40 -16.37 16.04
C LEU B 276 10.79 -17.78 16.51
N ASN B 277 12.07 -17.97 16.80
CA ASN B 277 12.56 -19.12 17.60
C ASN B 277 11.90 -19.11 18.99
N ASP B 278 12.04 -20.21 19.70
CA ASP B 278 11.34 -20.45 20.99
C ASP B 278 11.89 -19.43 21.99
N ILE B 279 10.98 -18.68 22.64
CA ILE B 279 11.27 -17.56 23.57
C ILE B 279 11.92 -18.12 24.84
N PRO B 280 13.16 -17.71 25.23
CA PRO B 280 13.73 -18.17 26.48
C PRO B 280 12.85 -17.68 27.63
N GLU B 281 12.94 -18.32 28.79
CA GLU B 281 11.97 -18.10 29.90
C GLU B 281 12.30 -16.81 30.67
N ASN B 282 13.45 -16.16 30.44
CA ASN B 282 13.74 -14.87 31.13
C ASN B 282 13.10 -13.73 30.32
N PHE B 283 12.39 -14.02 29.22
CA PHE B 283 11.83 -12.99 28.30
C PHE B 283 10.34 -12.80 28.56
N ILE B 284 9.89 -11.54 28.54
CA ILE B 284 8.48 -11.17 28.28
C ILE B 284 8.42 -10.45 26.92
N VAL B 285 7.72 -11.06 25.96
CA VAL B 285 7.55 -10.61 24.55
C VAL B 285 6.09 -10.21 24.31
N ARG B 286 5.87 -8.98 23.85
CA ARG B 286 4.53 -8.41 23.56
C ARG B 286 4.63 -7.68 22.24
N PRO B 287 3.53 -7.47 21.49
CA PRO B 287 3.57 -6.59 20.33
C PRO B 287 3.79 -5.11 20.76
N TYR B 288 3.48 -4.78 22.01
CA TYR B 288 3.46 -3.41 22.59
C TYR B 288 3.44 -3.48 24.12
N VAL B 289 4.19 -2.57 24.74
CA VAL B 289 4.37 -2.44 26.22
C VAL B 289 4.18 -0.97 26.58
N PRO B 290 3.90 -0.65 27.86
CA PRO B 290 3.88 0.73 28.33
C PRO B 290 5.34 1.14 28.56
N GLN B 291 5.98 1.70 27.51
CA GLN B 291 7.44 1.97 27.38
C GLN B 291 7.92 2.84 28.55
N LEU B 292 7.11 3.82 28.97
CA LEU B 292 7.52 4.75 30.06
C LEU B 292 7.74 3.96 31.36
N GLU B 293 6.84 3.02 31.64
CA GLU B 293 6.87 2.20 32.87
C GLU B 293 8.06 1.23 32.77
N ILE B 294 8.29 0.68 31.60
CA ILE B 294 9.42 -0.27 31.36
C ILE B 294 10.74 0.49 31.53
N LEU B 295 10.83 1.68 30.96
CA LEU B 295 12.08 2.47 30.97
C LEU B 295 12.34 2.89 32.41
N LYS B 296 11.28 3.17 33.18
CA LYS B 296 11.44 3.51 34.62
C LYS B 296 12.28 2.42 35.32
N ARG B 297 12.13 1.15 34.93
CA ARG B 297 12.75 0.02 35.68
C ARG B 297 13.97 -0.55 34.97
N ALA B 298 14.39 0.00 33.82
CA ALA B 298 15.36 -0.63 32.89
C ALA B 298 16.80 -0.19 33.20
N SER B 299 17.72 -1.16 33.12
CA SER B 299 19.18 -0.96 33.32
C SER B 299 19.85 -0.71 31.96
N LEU B 300 19.15 -1.07 30.88
CA LEU B 300 19.65 -0.96 29.50
C LEU B 300 18.49 -0.86 28.50
N PHE B 301 18.69 -0.11 27.42
CA PHE B 301 17.71 -0.02 26.31
C PHE B 301 18.42 -0.26 24.99
N VAL B 302 18.12 -1.37 24.33
CA VAL B 302 18.48 -1.63 22.91
C VAL B 302 17.35 -1.05 22.06
N THR B 303 17.64 0.02 21.32
CA THR B 303 16.67 0.88 20.59
C THR B 303 17.12 1.01 19.14
N HIS B 304 16.18 1.32 18.27
CA HIS B 304 16.38 1.57 16.83
C HIS B 304 16.84 3.02 16.62
N GLY B 305 16.72 3.88 17.61
CA GLY B 305 17.25 5.24 17.49
C GLY B 305 16.18 6.20 17.01
N GLY B 306 14.90 5.81 17.05
CA GLY B 306 13.81 6.77 16.94
C GLY B 306 14.00 7.80 18.04
N MET B 307 13.83 9.09 17.75
CA MET B 307 14.10 10.18 18.70
C MET B 307 13.29 10.01 20.00
N ASN B 308 12.04 9.55 19.93
CA ASN B 308 11.14 9.43 21.10
C ASN B 308 11.67 8.34 22.03
N SER B 309 12.01 7.16 21.51
CA SER B 309 12.61 6.04 22.29
C SER B 309 13.95 6.47 22.88
N THR B 310 14.81 7.16 22.11
CA THR B 310 16.17 7.54 22.59
C THR B 310 16.01 8.54 23.76
N SER B 311 15.23 9.60 23.56
CA SER B 311 15.10 10.70 24.54
C SER B 311 14.23 10.25 25.74
N GLU B 312 13.26 9.37 25.50
CA GLU B 312 12.53 8.75 26.63
C GLU B 312 13.53 7.95 27.46
N GLY B 313 14.36 7.15 26.80
CA GLY B 313 15.45 6.38 27.45
C GLY B 313 16.34 7.24 28.36
N LEU B 314 16.95 8.28 27.79
CA LEU B 314 17.93 9.15 28.48
C LEU B 314 17.21 9.94 29.59
N TYR B 315 15.93 10.27 29.40
CA TYR B 315 15.10 10.97 30.42
C TYR B 315 15.10 10.14 31.70
N PHE B 316 14.98 8.80 31.57
CA PHE B 316 15.06 7.84 32.71
C PHE B 316 16.49 7.39 32.96
N GLU B 317 17.49 8.12 32.45
CA GLU B 317 18.93 7.90 32.79
C GLU B 317 19.36 6.47 32.42
N THR B 318 18.82 5.94 31.32
CA THR B 318 19.14 4.59 30.80
C THR B 318 20.21 4.67 29.73
N PRO B 319 21.34 3.95 29.90
CA PRO B 319 22.31 3.75 28.83
C PRO B 319 21.66 2.95 27.68
N LEU B 320 22.12 3.18 26.44
CA LEU B 320 21.43 2.76 25.20
C LEU B 320 22.40 2.00 24.30
N VAL B 321 21.95 0.95 23.62
CA VAL B 321 22.67 0.51 22.41
C VAL B 321 21.72 0.85 21.26
N VAL B 322 22.23 1.54 20.26
CA VAL B 322 21.39 2.05 19.16
C VAL B 322 21.76 1.29 17.90
N ILE B 323 20.74 0.75 17.24
CA ILE B 323 20.85 0.01 15.95
C ILE B 323 19.99 0.77 14.95
N PRO B 324 20.53 1.84 14.34
CA PRO B 324 19.76 2.71 13.46
C PRO B 324 19.35 1.88 12.25
N MET B 325 18.05 1.83 11.97
CA MET B 325 17.47 1.11 10.81
C MET B 325 17.36 2.06 9.60
N GLY B 326 16.85 3.28 9.78
CA GLY B 326 16.72 4.30 8.71
C GLY B 326 16.36 5.70 9.22
N ASN B 327 16.09 6.62 8.29
CA ASN B 327 15.57 8.00 8.53
C ASN B 327 16.52 8.79 9.44
N ASP B 328 15.94 9.45 10.46
CA ASP B 328 16.61 10.39 11.40
C ASP B 328 17.48 9.58 12.36
N GLN B 329 17.29 8.25 12.38
CA GLN B 329 17.98 7.33 13.30
C GLN B 329 19.49 7.55 13.26
N PHE B 330 20.09 7.80 12.09
CA PHE B 330 21.57 7.97 11.99
C PHE B 330 21.97 9.19 12.82
N VAL B 331 21.29 10.32 12.64
CA VAL B 331 21.57 11.58 13.40
C VAL B 331 21.55 11.31 14.90
N VAL B 332 20.50 10.65 15.41
CA VAL B 332 20.31 10.48 16.88
C VAL B 332 21.31 9.44 17.39
N ALA B 333 21.53 8.37 16.61
CA ALA B 333 22.57 7.34 16.84
C ALA B 333 23.96 8.00 16.95
N ASP B 334 24.38 8.86 16.03
CA ASP B 334 25.71 9.51 16.11
C ASP B 334 25.78 10.47 17.30
N GLN B 335 24.64 11.02 17.76
CA GLN B 335 24.62 11.95 18.92
C GLN B 335 24.71 11.16 20.21
N VAL B 336 24.04 10.01 20.28
CA VAL B 336 24.01 9.21 21.55
C VAL B 336 25.46 8.86 21.86
N GLU B 337 26.12 8.27 20.87
CA GLU B 337 27.55 7.86 20.90
C GLU B 337 28.46 9.03 21.25
N LYS B 338 28.26 10.17 20.58
CA LYS B 338 29.08 11.41 20.70
C LYS B 338 29.11 11.94 22.13
N VAL B 339 27.95 12.06 22.81
CA VAL B 339 27.83 12.45 24.26
C VAL B 339 28.18 11.26 25.16
N GLY B 340 28.40 10.07 24.59
CA GLY B 340 28.84 8.86 25.31
C GLY B 340 27.77 8.28 26.22
N ALA B 341 26.52 8.28 25.82
CA ALA B 341 25.40 7.81 26.67
C ALA B 341 24.94 6.44 26.17
N GLY B 342 25.68 5.92 25.21
CA GLY B 342 25.43 4.62 24.58
C GLY B 342 26.42 4.38 23.47
N LYS B 343 26.26 3.25 22.83
CA LYS B 343 27.14 2.78 21.75
C LYS B 343 26.22 2.42 20.59
N VAL B 344 26.69 2.68 19.37
CA VAL B 344 25.93 2.42 18.12
C VAL B 344 26.38 1.07 17.60
N ILE B 345 25.51 0.29 17.00
CA ILE B 345 25.95 -0.80 16.10
C ILE B 345 25.31 -0.54 14.74
N LYS B 346 26.11 -0.33 13.70
CA LYS B 346 25.56 -0.14 12.34
C LYS B 346 24.93 -1.46 11.93
N LYS B 347 23.93 -1.44 11.06
CA LYS B 347 23.20 -2.67 10.64
C LYS B 347 24.20 -3.61 9.91
N GLU B 348 25.25 -3.05 9.30
CA GLU B 348 26.29 -3.81 8.56
C GLU B 348 27.13 -4.66 9.53
N GLU B 349 27.28 -4.22 10.79
CA GLU B 349 28.25 -4.80 11.75
C GLU B 349 27.55 -5.76 12.69
N LEU B 350 26.23 -5.81 12.60
CA LEU B 350 25.40 -6.55 13.58
C LEU B 350 25.67 -8.05 13.46
N SER B 351 26.11 -8.67 14.53
CA SER B 351 26.28 -10.14 14.68
C SER B 351 25.86 -10.46 16.10
N GLU B 352 25.65 -11.74 16.43
CA GLU B 352 25.46 -12.18 17.84
C GLU B 352 26.59 -11.68 18.73
N SER B 353 27.86 -11.92 18.39
CA SER B 353 28.98 -11.54 19.27
C SER B 353 28.91 -10.04 19.55
N LEU B 354 28.77 -9.22 18.52
CA LEU B 354 28.91 -7.75 18.72
C LEU B 354 27.71 -7.26 19.51
N LEU B 355 26.54 -7.85 19.30
CA LEU B 355 25.31 -7.49 20.07
C LEU B 355 25.54 -7.89 21.52
N LYS B 356 26.08 -9.10 21.77
CA LYS B 356 26.33 -9.63 23.14
C LYS B 356 27.35 -8.75 23.85
N GLU B 357 28.41 -8.39 23.17
CA GLU B 357 29.55 -7.65 23.78
C GLU B 357 29.13 -6.20 24.02
N THR B 358 28.45 -5.55 23.09
CA THR B 358 28.00 -4.14 23.21
C THR B 358 26.96 -4.00 24.34
N ILE B 359 26.12 -5.02 24.56
CA ILE B 359 25.11 -5.03 25.68
C ILE B 359 25.87 -5.08 27.03
N GLN B 360 26.76 -6.06 27.23
CA GLN B 360 27.74 -6.16 28.35
C GLN B 360 28.34 -4.76 28.61
N GLU B 361 29.07 -4.18 27.64
CA GLU B 361 29.72 -2.84 27.77
C GLU B 361 28.73 -1.75 28.24
N VAL B 362 27.58 -1.60 27.62
CA VAL B 362 26.75 -0.37 27.79
C VAL B 362 25.94 -0.45 29.08
N MET B 363 25.57 -1.64 29.51
CA MET B 363 24.93 -1.93 30.83
C MET B 363 26.03 -1.97 31.91
N ASN B 364 25.69 -1.71 33.17
CA ASN B 364 26.59 -1.99 34.34
C ASN B 364 27.98 -1.33 34.21
N ASN B 365 28.17 -0.39 33.28
CA ASN B 365 29.50 0.16 32.90
C ASN B 365 29.44 1.69 33.05
N ARG B 366 30.32 2.24 33.90
CA ARG B 366 30.20 3.54 34.64
C ARG B 366 30.07 4.74 33.67
N SER B 367 30.92 4.84 32.67
CA SER B 367 30.93 5.91 31.62
C SER B 367 29.51 6.20 31.08
N TYR B 368 28.84 5.17 30.54
CA TYR B 368 27.52 5.27 29.85
C TYR B 368 26.45 5.62 30.88
N LYS B 369 26.45 4.95 32.04
CA LYS B 369 25.54 5.24 33.19
C LYS B 369 25.63 6.71 33.62
N GLU B 370 26.82 7.32 33.64
CA GLU B 370 27.00 8.67 34.23
C GLU B 370 26.59 9.72 33.21
N LYS B 371 26.99 9.51 31.95
CA LYS B 371 26.61 10.37 30.80
C LYS B 371 25.10 10.27 30.57
N ALA B 372 24.52 9.07 30.62
CA ALA B 372 23.05 8.86 30.55
C ALA B 372 22.36 9.65 31.68
N LYS B 373 22.91 9.62 32.89
CA LYS B 373 22.34 10.34 34.04
C LYS B 373 22.53 11.85 33.84
N GLU B 374 23.68 12.27 33.30
CA GLU B 374 23.99 13.70 33.00
C GLU B 374 22.94 14.25 32.03
N ILE B 375 22.79 13.63 30.88
CA ILE B 375 21.91 14.11 29.79
C ILE B 375 20.48 14.03 30.26
N GLY B 376 20.14 12.93 30.93
CA GLY B 376 18.86 12.79 31.64
C GLY B 376 18.51 14.05 32.44
N GLN B 377 19.48 14.61 33.15
CA GLN B 377 19.27 15.79 34.02
C GLN B 377 18.98 17.01 33.14
N SER B 378 19.69 17.17 32.04
CA SER B 378 19.51 18.26 31.06
C SER B 378 18.08 18.21 30.50
N LEU B 379 17.65 17.03 30.02
CA LEU B 379 16.32 16.73 29.43
C LEU B 379 15.18 17.07 30.43
N LYS B 380 15.31 16.68 31.70
CA LYS B 380 14.28 16.94 32.74
C LYS B 380 14.31 18.45 33.10
N ALA B 381 15.48 19.03 33.30
CA ALA B 381 15.62 20.46 33.70
C ALA B 381 14.99 21.39 32.65
N ALA B 382 14.82 20.94 31.40
CA ALA B 382 14.35 21.78 30.27
C ALA B 382 12.86 22.13 30.47
N GLY B 383 12.12 21.38 31.30
CA GLY B 383 10.78 21.77 31.76
C GLY B 383 9.67 20.83 31.33
N GLY B 384 9.73 20.29 30.10
CA GLY B 384 8.73 19.33 29.60
C GLY B 384 7.44 19.98 29.09
N SER B 385 6.36 19.20 29.12
CA SER B 385 4.99 19.64 28.75
C SER B 385 4.68 21.01 29.34
N LYS B 386 4.96 21.21 30.63
CA LYS B 386 4.55 22.42 31.39
C LYS B 386 5.20 23.63 30.74
N LYS B 387 6.46 23.49 30.35
CA LYS B 387 7.23 24.63 29.78
C LYS B 387 6.74 24.85 28.33
N ALA B 388 6.41 23.77 27.60
CA ALA B 388 5.85 23.93 26.24
C ALA B 388 4.57 24.76 26.34
N ALA B 389 3.66 24.41 27.24
CA ALA B 389 2.38 25.11 27.40
C ALA B 389 2.66 26.55 27.80
N ASP B 390 3.46 26.71 28.83
CA ASP B 390 3.84 27.99 29.43
C ASP B 390 4.33 28.94 28.36
N SER B 391 5.16 28.44 27.45
CA SER B 391 5.83 29.27 26.41
C SER B 391 4.80 29.65 25.35
N ILE B 392 3.85 28.75 25.10
CA ILE B 392 2.77 28.95 24.09
C ILE B 392 1.82 30.02 24.63
N LEU B 393 1.34 29.87 25.87
CA LEU B 393 0.36 30.83 26.47
C LEU B 393 1.00 32.23 26.54
N GLU B 394 2.24 32.31 27.02
CA GLU B 394 3.01 33.57 27.13
C GLU B 394 3.07 34.25 25.76
N ALA B 395 3.59 33.53 24.75
CA ALA B 395 3.69 34.00 23.35
C ALA B 395 2.36 34.62 22.90
N VAL B 396 1.24 33.98 23.26
CA VAL B 396 -0.12 34.29 22.74
C VAL B 396 -0.69 35.43 23.58
N LYS B 397 -0.47 35.40 24.90
CA LYS B 397 -0.84 36.52 25.81
C LYS B 397 0.06 37.72 25.56
N GLN B 398 1.01 37.59 24.62
CA GLN B 398 1.99 38.62 24.19
C GLN B 398 1.63 39.19 22.81
N LYS B 399 0.94 38.42 21.97
CA LYS B 399 0.38 38.96 20.69
C LYS B 399 -0.90 39.73 21.04
N THR B 400 -1.74 39.15 21.90
CA THR B 400 -3.06 39.70 22.32
C THR B 400 -2.83 41.18 22.69
N GLN B 401 -1.78 41.48 23.48
CA GLN B 401 -1.39 42.86 23.83
C GLN B 401 -1.11 43.62 22.52
N SER B 402 -2.04 44.52 22.14
CA SER B 402 -2.02 45.36 20.91
C SER B 402 -3.25 46.28 20.90
N1 UDP C . -14.58 -16.26 -22.95
C2 UDP C . -15.88 -16.28 -23.47
N3 UDP C . -16.27 -17.23 -24.32
C4 UDP C . -15.42 -18.20 -24.71
C5 UDP C . -14.14 -18.20 -24.22
C6 UDP C . -13.74 -17.21 -23.33
O2 UDP C . -16.74 -15.46 -23.17
O4 UDP C . -15.81 -19.08 -25.53
C1' UDP C . -14.16 -15.22 -22.00
C2' UDP C . -14.24 -15.63 -20.53
O2' UDP C . -15.58 -15.50 -19.97
C3' UDP C . -13.20 -14.73 -19.89
C4' UDP C . -12.17 -14.48 -21.00
O4' UDP C . -12.80 -14.90 -22.22
O3' UDP C . -13.81 -13.49 -19.44
C5' UDP C . -10.88 -15.32 -20.85
O5' UDP C . -10.02 -14.85 -19.81
PA UDP C . -9.05 -15.84 -19.03
O1A UDP C . -9.93 -16.95 -18.50
O2A UDP C . -8.48 -14.96 -18.00
O3A UDP C . -8.06 -16.48 -20.11
PB UDP C . -7.14 -15.91 -21.33
O1B UDP C . -5.94 -16.83 -21.18
O2B UDP C . -7.99 -16.17 -22.53
O3B UDP C . -6.92 -14.46 -21.11
C1 GOL D . 1.54 0.29 -22.65
O1 GOL D . 0.80 1.10 -21.75
C2 GOL D . 2.37 -0.81 -22.00
O2 GOL D . 2.70 -1.75 -23.03
C3 GOL D . 1.66 -1.54 -20.86
O3 GOL D . 2.38 -1.55 -19.62
N1 UDP E . 6.18 2.81 22.15
C2 UDP E . 5.42 2.27 23.21
N3 UDP E . 5.45 0.92 23.37
C4 UDP E . 6.10 0.09 22.52
C5 UDP E . 6.81 0.63 21.46
C6 UDP E . 6.81 2.00 21.30
O2 UDP E . 4.79 3.07 24.03
O4 UDP E . 6.12 -1.18 22.65
C1' UDP E . 6.19 4.30 21.95
C2' UDP E . 7.47 4.91 22.40
O2' UDP E . 7.45 5.13 23.79
C3' UDP E . 7.50 6.24 21.67
C4' UDP E . 6.93 5.83 20.31
O4' UDP E . 6.04 4.74 20.60
O3' UDP E . 6.74 7.22 22.44
C5' UDP E . 8.03 5.35 19.29
O5' UDP E . 8.57 6.48 18.56
PA UDP E . 10.11 6.63 18.13
O1A UDP E . 10.98 6.04 19.23
O2A UDP E . 10.42 8.04 17.66
O3A UDP E . 10.26 5.60 16.88
PB UDP E . 9.27 5.32 15.58
O1B UDP E . 8.32 4.22 16.11
O2B UDP E . 10.27 4.86 14.53
O3B UDP E . 8.56 6.64 15.28
#